data_7KN5
#
_entry.id   7KN5
#
_cell.length_a   80.525
_cell.length_b   91.943
_cell.length_c   84.998
_cell.angle_alpha   90.000
_cell.angle_beta   91.147
_cell.angle_gamma   90.000
#
_symmetry.space_group_name_H-M   'P 1 21 1'
#
loop_
_entity.id
_entity.type
_entity.pdbx_description
1 polymer 'Spike protein S1'
2 polymer 'VHH E'
3 polymer 'VHH U'
4 branched 2-acetamido-2-deoxy-beta-D-glucopyranose-(1-4)-2-acetamido-2-deoxy-beta-D-glucopyranose
5 non-polymer 1,2-ETHANEDIOL
6 non-polymer 2-acetamido-2-deoxy-beta-D-glucopyranose
7 water water
#
loop_
_entity_poly.entity_id
_entity_poly.type
_entity_poly.pdbx_seq_one_letter_code
_entity_poly.pdbx_strand_id
1 'polypeptide(L)'
;RVQPTESIVRFPNITNLCPFGEVFNATRFASVYAWNRKRISNCVADYSVLYNSASFSTFKCYGVSPTKLNDLCFTNVYAD
SFVIRGDEVRQIAPGQTGKIADYNYKLPDDFTGCVIAWNSNNLDSKVGGNYNYLYRLFRKSNLKPFERDISTEIYQAGST
PCNGVEGFNCYFPLQSYGFQPTNGVGYQPYRVVVLSFELLHAPATVCGPKKSTNLVKNKCVNFSGHHHHHH
;
A,B
2 'polypeptide(L)'
;QVQLVETGGGFVQPGGSLRLSCAASGVTLDYYAIGWFRQAPGKEREGVSCIGSSDGRTYYSDSVKGRFTISRDNAKNTVY
LQMNSLKPEDTAVYYCALTVGTYYSGNYHYTCSDDMDYWGKGTQVTVSS
;
C,D
3 'polypeptide(L)'
;QVQLVESGGGLVQPGGSLRLSCAASGFTLDYYAIGWFRQAPGKEREGVSCISSSGGSTHFADSVKGRFTISRDNAKNTVY
LQMNSLIPEDTAVYYCAAQSGSYYWCGSDWHEYEYWGQGTQVTVSS
;
E,F
#
# COMPACT_ATOMS: atom_id res chain seq x y z
N ASN A 16 7.30 -22.46 -11.88
CA ASN A 16 7.61 -21.25 -12.63
C ASN A 16 8.37 -20.26 -11.72
N LEU A 17 9.59 -20.61 -11.33
CA LEU A 17 10.33 -19.80 -10.35
C LEU A 17 10.77 -18.45 -10.93
N CYS A 18 10.71 -17.41 -10.08
CA CYS A 18 11.13 -16.08 -10.53
C CYS A 18 12.63 -16.08 -10.81
N PRO A 19 13.07 -15.36 -11.83
CA PRO A 19 14.49 -15.43 -12.26
C PRO A 19 15.41 -14.54 -11.43
N PHE A 20 15.38 -14.72 -10.10
CA PHE A 20 16.23 -13.90 -9.25
C PHE A 20 17.70 -14.18 -9.51
N GLY A 21 18.05 -15.41 -9.87
CA GLY A 21 19.43 -15.71 -10.21
C GLY A 21 19.99 -14.82 -11.31
N GLU A 22 19.20 -14.61 -12.36
CA GLU A 22 19.64 -13.73 -13.44
C GLU A 22 19.96 -12.33 -12.91
N VAL A 23 19.26 -11.91 -11.87
CA VAL A 23 19.49 -10.57 -11.30
C VAL A 23 20.71 -10.58 -10.40
N PHE A 24 20.72 -11.47 -9.38
CA PHE A 24 21.78 -11.39 -8.38
C PHE A 24 23.09 -11.95 -8.89
N ASN A 25 23.05 -12.89 -9.84
CA ASN A 25 24.27 -13.51 -10.34
C ASN A 25 24.64 -13.08 -11.74
N ALA A 26 24.09 -11.98 -12.24
CA ALA A 26 24.47 -11.50 -13.57
C ALA A 26 25.97 -11.25 -13.60
N THR A 27 26.58 -11.51 -14.77
CA THR A 27 28.04 -11.33 -14.86
C THR A 27 28.43 -9.87 -14.67
N ARG A 28 27.69 -8.98 -15.31
CA ARG A 28 27.99 -7.57 -15.22
C ARG A 28 26.76 -6.82 -14.69
N PHE A 29 27.03 -5.77 -13.93
CA PHE A 29 25.98 -4.90 -13.40
C PHE A 29 26.06 -3.55 -14.10
N ALA A 30 24.93 -2.82 -14.08
CA ALA A 30 24.85 -1.47 -14.62
C ALA A 30 25.61 -0.45 -13.74
N SER A 31 26.04 0.65 -14.38
CA SER A 31 26.43 1.85 -13.64
C SER A 31 25.21 2.46 -12.99
N VAL A 32 25.41 3.06 -11.82
CA VAL A 32 24.26 3.56 -11.04
C VAL A 32 23.56 4.70 -11.79
N TYR A 33 24.29 5.55 -12.56
CA TYR A 33 23.56 6.63 -13.25
C TYR A 33 22.61 6.07 -14.32
N ALA A 34 22.90 4.89 -14.86
CA ALA A 34 22.12 4.21 -15.88
C ALA A 34 21.54 2.91 -15.31
N TRP A 35 21.01 2.99 -14.09
CA TRP A 35 20.69 1.79 -13.36
C TRP A 35 19.68 0.93 -14.12
N ASN A 36 19.82 -0.37 -13.97
CA ASN A 36 19.01 -1.30 -14.72
C ASN A 36 17.75 -1.63 -13.94
N ARG A 37 16.62 -1.76 -14.64
CA ARG A 37 15.38 -2.26 -14.03
C ARG A 37 14.92 -3.53 -14.73
N LYS A 38 14.65 -4.57 -13.95
CA LYS A 38 14.03 -5.76 -14.49
C LYS A 38 12.64 -5.93 -13.88
N ARG A 39 11.65 -6.10 -14.74
CA ARG A 39 10.31 -6.39 -14.27
C ARG A 39 10.16 -7.88 -14.01
N ILE A 40 9.65 -8.22 -12.83
CA ILE A 40 9.46 -9.60 -12.43
C ILE A 40 7.96 -9.79 -12.26
N SER A 41 7.43 -10.77 -12.98
CA SER A 41 6.00 -10.94 -13.20
C SER A 41 5.69 -12.40 -13.39
N ASN A 42 4.49 -12.79 -12.99
CA ASN A 42 3.89 -14.09 -13.33
C ASN A 42 4.80 -15.28 -13.02
N CYS A 43 5.21 -15.39 -11.76
CA CYS A 43 6.17 -16.40 -11.33
C CYS A 43 6.04 -16.62 -9.84
N VAL A 44 6.69 -17.68 -9.38
CA VAL A 44 6.80 -17.98 -7.96
C VAL A 44 8.13 -17.44 -7.44
N ALA A 45 8.05 -16.61 -6.41
CA ALA A 45 9.19 -15.91 -5.85
C ALA A 45 9.60 -16.60 -4.56
N ASP A 46 10.83 -17.10 -4.52
CA ASP A 46 11.40 -17.66 -3.29
C ASP A 46 12.43 -16.65 -2.81
N TYR A 47 12.01 -15.78 -1.92
CA TYR A 47 12.91 -14.81 -1.32
C TYR A 47 13.81 -15.43 -0.27
N SER A 48 13.42 -16.58 0.30
CA SER A 48 14.21 -17.16 1.38
C SER A 48 15.63 -17.52 0.92
N VAL A 49 15.82 -17.89 -0.36
CA VAL A 49 17.16 -18.16 -0.86
C VAL A 49 18.06 -16.95 -0.69
N LEU A 50 17.50 -15.74 -0.79
CA LEU A 50 18.25 -14.51 -0.58
C LEU A 50 18.48 -14.25 0.91
N TYR A 51 17.40 -14.21 1.69
CA TYR A 51 17.54 -13.78 3.07
C TYR A 51 18.25 -14.82 3.92
N ASN A 52 17.98 -16.12 3.65
CA ASN A 52 18.58 -17.20 4.46
C ASN A 52 19.95 -17.55 3.92
N SER A 53 20.86 -16.61 4.07
CA SER A 53 22.21 -16.76 3.55
C SER A 53 23.12 -15.84 4.35
N ALA A 54 24.42 -16.05 4.19
CA ALA A 54 25.38 -15.15 4.81
C ALA A 54 25.93 -14.14 3.81
N SER A 55 25.29 -14.02 2.65
CA SER A 55 25.90 -13.35 1.50
C SER A 55 25.80 -11.82 1.51
N PHE A 56 24.87 -11.21 2.26
CA PHE A 56 24.52 -9.82 2.03
C PHE A 56 24.83 -9.01 3.27
N SER A 57 25.77 -8.09 3.16
CA SER A 57 26.04 -7.20 4.27
C SER A 57 24.94 -6.19 4.46
N THR A 58 24.19 -5.87 3.40
CA THR A 58 23.00 -5.07 3.61
C THR A 58 21.78 -5.86 3.16
N PHE A 59 20.79 -5.97 4.01
CA PHE A 59 19.54 -6.58 3.60
C PHE A 59 18.51 -5.83 4.43
N LYS A 60 18.00 -4.72 3.91
CA LYS A 60 17.11 -3.84 4.65
C LYS A 60 15.76 -3.80 3.98
N CYS A 61 14.71 -4.15 4.71
CA CYS A 61 13.36 -4.11 4.17
C CYS A 61 12.58 -2.96 4.79
N TYR A 62 11.70 -2.38 3.98
CA TYR A 62 10.91 -1.22 4.32
C TYR A 62 9.45 -1.58 4.09
N GLY A 63 8.67 -1.57 5.18
CA GLY A 63 7.25 -1.87 5.13
C GLY A 63 6.90 -3.34 5.20
N VAL A 64 7.88 -4.23 5.28
CA VAL A 64 7.64 -5.67 5.33
C VAL A 64 8.71 -6.25 6.24
N SER A 65 8.48 -7.49 6.68
CA SER A 65 9.48 -8.21 7.47
C SER A 65 10.31 -9.14 6.59
N PRO A 66 11.64 -9.15 6.72
CA PRO A 66 12.45 -10.04 5.86
C PRO A 66 12.13 -11.52 6.06
N THR A 67 11.75 -11.93 7.27
CA THR A 67 11.42 -13.33 7.54
C THR A 67 10.15 -13.80 6.81
N LYS A 68 9.24 -12.89 6.45
CA LYS A 68 7.93 -13.28 5.94
C LYS A 68 7.71 -12.96 4.47
N LEU A 69 8.79 -12.72 3.70
CA LEU A 69 8.62 -12.29 2.32
C LEU A 69 7.88 -13.32 1.47
N ASN A 70 8.09 -14.61 1.75
CA ASN A 70 7.44 -15.69 1.01
C ASN A 70 5.94 -15.77 1.26
N ASP A 71 5.42 -15.04 2.24
CA ASP A 71 3.98 -14.98 2.46
C ASP A 71 3.29 -13.89 1.65
N LEU A 72 4.02 -13.06 0.89
CA LEU A 72 3.47 -11.87 0.27
C LEU A 72 3.11 -12.09 -1.21
N CYS A 73 2.10 -11.36 -1.68
CA CYS A 73 1.64 -11.43 -3.06
C CYS A 73 1.63 -10.05 -3.68
N PHE A 74 2.21 -9.88 -4.86
CA PHE A 74 2.22 -8.57 -5.50
C PHE A 74 1.83 -8.68 -6.97
N THR A 75 1.33 -7.56 -7.51
CA THR A 75 1.06 -7.50 -8.95
C THR A 75 2.35 -7.62 -9.75
N ASN A 76 3.41 -6.90 -9.33
CA ASN A 76 4.70 -6.89 -10.02
C ASN A 76 5.76 -6.64 -8.97
N VAL A 77 6.98 -7.11 -9.25
CA VAL A 77 8.14 -6.76 -8.44
C VAL A 77 9.17 -6.19 -9.40
N TYR A 78 9.78 -5.07 -9.07
CA TYR A 78 10.83 -4.50 -9.91
C TYR A 78 12.18 -4.71 -9.24
N ALA A 79 13.17 -5.14 -10.01
CA ALA A 79 14.50 -5.37 -9.47
C ALA A 79 15.43 -4.39 -10.16
N ASP A 80 15.85 -3.35 -9.44
CA ASP A 80 16.82 -2.38 -9.93
C ASP A 80 18.20 -2.79 -9.46
N SER A 81 19.21 -2.66 -10.32
CA SER A 81 20.52 -3.11 -9.89
C SER A 81 21.60 -2.26 -10.51
N PHE A 82 22.73 -2.18 -9.78
CA PHE A 82 23.82 -1.24 -10.11
C PHE A 82 24.95 -1.42 -9.10
N VAL A 83 26.07 -0.75 -9.37
CA VAL A 83 27.24 -0.82 -8.50
C VAL A 83 27.50 0.60 -7.98
N ILE A 84 27.82 0.71 -6.67
CA ILE A 84 28.26 1.97 -6.03
C ILE A 84 29.37 1.61 -5.05
N ARG A 85 29.96 2.64 -4.41
CA ARG A 85 30.96 2.37 -3.37
C ARG A 85 30.29 1.92 -2.09
N GLY A 86 31.07 1.21 -1.26
CA GLY A 86 30.55 0.74 0.02
C GLY A 86 29.98 1.84 0.89
N ASP A 87 30.71 2.96 0.99
CA ASP A 87 30.32 4.13 1.79
C ASP A 87 29.04 4.77 1.33
N GLU A 88 28.57 4.45 0.11
CA GLU A 88 27.35 5.01 -0.47
C GLU A 88 26.14 4.11 -0.33
N VAL A 89 26.31 2.86 0.15
CA VAL A 89 25.13 2.01 0.24
C VAL A 89 24.08 2.60 1.16
N ARG A 90 24.49 3.30 2.23
CA ARG A 90 23.53 3.96 3.11
C ARG A 90 22.65 4.98 2.40
N GLN A 91 23.08 5.52 1.24
CA GLN A 91 22.21 6.45 0.51
C GLN A 91 21.06 5.77 -0.21
N ILE A 92 21.10 4.44 -0.35
CA ILE A 92 20.03 3.73 -1.03
C ILE A 92 18.97 3.40 0.01
N ALA A 93 18.25 4.43 0.46
CA ALA A 93 17.31 4.31 1.56
C ALA A 93 16.36 5.49 1.46
N PRO A 94 15.12 5.36 1.91
CA PRO A 94 14.24 6.54 1.94
C PRO A 94 14.86 7.67 2.74
N GLY A 95 14.66 8.90 2.28
CA GLY A 95 15.07 10.07 3.05
C GLY A 95 16.55 10.41 3.06
N GLN A 96 17.37 9.84 2.20
CA GLN A 96 18.81 10.10 2.23
C GLN A 96 19.21 11.19 1.25
N THR A 97 20.39 11.75 1.48
CA THR A 97 20.96 12.77 0.59
C THR A 97 22.42 12.40 0.28
N GLY A 98 23.01 13.07 -0.69
CA GLY A 98 24.34 12.71 -1.16
C GLY A 98 24.35 12.57 -2.67
N LYS A 99 25.55 12.40 -3.23
CA LYS A 99 25.67 12.39 -4.69
C LYS A 99 24.81 11.29 -5.30
N ILE A 100 24.73 10.14 -4.63
CA ILE A 100 23.98 9.02 -5.23
C ILE A 100 22.48 9.24 -5.10
N ALA A 101 21.98 9.48 -3.88
CA ALA A 101 20.55 9.69 -3.71
C ALA A 101 20.09 10.92 -4.50
N ASP A 102 20.94 11.97 -4.55
CA ASP A 102 20.51 13.23 -5.16
C ASP A 102 20.56 13.17 -6.68
N TYR A 103 21.63 12.56 -7.25
CA TYR A 103 21.86 12.70 -8.69
C TYR A 103 21.78 11.41 -9.49
N ASN A 104 21.60 10.23 -8.85
CA ASN A 104 21.74 8.96 -9.57
C ASN A 104 20.56 8.02 -9.36
N TYR A 105 20.20 7.74 -8.11
CA TYR A 105 19.10 6.79 -7.83
C TYR A 105 18.47 7.20 -6.52
N LYS A 106 17.18 7.55 -6.58
CA LYS A 106 16.45 8.16 -5.47
C LYS A 106 15.31 7.24 -5.07
N LEU A 107 15.29 6.81 -3.80
CA LEU A 107 14.10 6.04 -3.35
C LEU A 107 13.02 6.97 -2.77
N PRO A 108 11.73 6.67 -2.96
CA PRO A 108 10.67 7.53 -2.40
C PRO A 108 10.51 7.38 -0.89
N ASP A 109 9.95 8.43 -0.25
CA ASP A 109 9.67 8.35 1.19
C ASP A 109 8.81 7.14 1.55
N ASP A 110 7.85 6.79 0.68
CA ASP A 110 6.90 5.71 0.94
C ASP A 110 7.33 4.37 0.33
N PHE A 111 8.64 4.19 0.14
CA PHE A 111 9.15 2.96 -0.47
C PHE A 111 8.67 1.71 0.27
N THR A 112 8.23 0.73 -0.48
CA THR A 112 7.95 -0.61 0.01
C THR A 112 8.80 -1.59 -0.77
N GLY A 113 9.69 -2.27 -0.07
CA GLY A 113 10.59 -3.18 -0.76
C GLY A 113 11.82 -3.45 0.08
N CYS A 114 12.86 -4.01 -0.59
CA CYS A 114 14.08 -4.42 0.11
C CYS A 114 15.30 -3.89 -0.67
N VAL A 115 16.32 -3.47 0.07
CA VAL A 115 17.62 -3.02 -0.47
C VAL A 115 18.65 -4.06 -0.04
N ILE A 116 19.32 -4.66 -0.99
CA ILE A 116 20.22 -5.78 -0.73
C ILE A 116 21.57 -5.44 -1.34
N ALA A 117 22.66 -5.58 -0.59
CA ALA A 117 23.96 -5.19 -1.16
C ALA A 117 25.08 -6.08 -0.62
N TRP A 118 26.16 -6.18 -1.40
CA TRP A 118 27.28 -7.04 -1.02
C TRP A 118 28.54 -6.53 -1.69
N ASN A 119 29.67 -6.70 -0.99
CA ASN A 119 30.96 -6.30 -1.54
C ASN A 119 31.29 -7.10 -2.79
N SER A 120 31.70 -6.40 -3.86
CA SER A 120 32.02 -7.07 -5.11
C SER A 120 33.45 -6.76 -5.57
N ASN A 121 34.34 -6.49 -4.61
CA ASN A 121 35.76 -6.26 -4.95
C ASN A 121 36.32 -7.39 -5.80
N ASN A 122 35.89 -8.64 -5.56
CA ASN A 122 36.46 -9.75 -6.33
C ASN A 122 36.04 -9.75 -7.79
N LEU A 123 34.95 -9.11 -8.16
CA LEU A 123 34.48 -9.10 -9.53
C LEU A 123 34.66 -7.76 -10.23
N ASP A 124 34.57 -6.66 -9.50
CA ASP A 124 34.38 -5.37 -10.14
C ASP A 124 35.56 -4.40 -10.03
N SER A 125 36.62 -4.78 -9.32
CA SER A 125 37.85 -3.97 -9.25
C SER A 125 38.89 -4.53 -10.21
N LYS A 126 39.80 -3.69 -10.61
CA LYS A 126 40.85 -4.12 -11.52
C LYS A 126 42.14 -3.42 -11.16
N VAL A 127 43.28 -4.11 -11.32
CA VAL A 127 44.55 -3.41 -11.21
C VAL A 127 44.62 -2.31 -12.25
N GLY A 128 44.97 -1.11 -11.82
CA GLY A 128 44.98 0.01 -12.75
C GLY A 128 43.65 0.74 -12.77
N GLY A 129 42.61 0.18 -12.13
CA GLY A 129 41.30 0.82 -12.06
C GLY A 129 40.30 0.20 -13.02
N ASN A 130 39.08 -0.10 -12.55
CA ASN A 130 37.99 -0.50 -13.45
C ASN A 130 37.20 0.76 -13.74
N TYR A 131 37.28 1.29 -14.95
CA TYR A 131 36.65 2.57 -15.26
C TYR A 131 35.23 2.41 -15.79
N ASN A 132 34.73 1.19 -15.90
CA ASN A 132 33.46 1.05 -16.58
C ASN A 132 32.26 1.45 -15.73
N TYR A 133 32.38 1.47 -14.41
CA TYR A 133 31.27 1.89 -13.55
C TYR A 133 31.33 3.41 -13.34
N LEU A 134 30.24 4.11 -13.65
CA LEU A 134 30.16 5.58 -13.58
C LEU A 134 29.08 6.04 -12.63
N TYR A 135 29.19 7.28 -12.16
CA TYR A 135 28.09 7.93 -11.44
C TYR A 135 28.03 9.39 -11.87
N ARG A 136 26.87 9.99 -11.73
CA ARG A 136 26.70 11.39 -12.09
C ARG A 136 27.19 12.22 -10.92
N LEU A 137 28.15 13.11 -11.18
CA LEU A 137 28.74 13.90 -10.11
C LEU A 137 28.17 15.29 -10.01
N PHE A 138 27.59 15.81 -11.10
CA PHE A 138 27.04 17.17 -11.16
C PHE A 138 25.65 17.09 -11.77
N ARG A 139 24.72 17.88 -11.23
CA ARG A 139 23.37 17.98 -11.77
C ARG A 139 22.74 19.26 -11.24
N LYS A 140 21.84 19.86 -12.04
CA LYS A 140 21.23 21.14 -11.68
C LYS A 140 20.22 21.02 -10.55
N SER A 141 19.61 19.85 -10.39
CA SER A 141 18.56 19.66 -9.38
C SER A 141 18.55 18.20 -9.01
N ASN A 142 17.93 17.88 -7.88
CA ASN A 142 17.85 16.49 -7.44
C ASN A 142 16.87 15.69 -8.30
N LEU A 143 17.15 14.38 -8.43
CA LEU A 143 16.23 13.46 -9.12
C LEU A 143 14.98 13.28 -8.29
N LYS A 144 13.88 13.04 -8.97
CA LYS A 144 12.67 12.58 -8.32
C LYS A 144 12.80 11.08 -8.10
N PRO A 145 12.00 10.51 -7.20
CA PRO A 145 12.10 9.07 -6.94
C PRO A 145 11.95 8.25 -8.20
N PHE A 146 12.88 7.30 -8.38
CA PHE A 146 12.93 6.38 -9.51
C PHE A 146 13.13 7.08 -10.86
N GLU A 147 13.60 8.31 -10.85
CA GLU A 147 13.95 8.96 -12.09
C GLU A 147 15.33 8.46 -12.54
N ARG A 148 15.54 8.33 -13.85
CA ARG A 148 16.85 7.95 -14.40
C ARG A 148 17.30 9.06 -15.36
N ASP A 149 18.55 9.52 -15.23
CA ASP A 149 19.06 10.60 -16.07
C ASP A 149 20.30 10.04 -16.75
N ILE A 150 20.27 9.90 -18.08
CA ILE A 150 21.46 9.41 -18.75
C ILE A 150 22.06 10.47 -19.68
N SER A 151 21.64 11.72 -19.55
CA SER A 151 22.17 12.79 -20.39
C SER A 151 23.64 13.11 -20.06
N THR A 152 24.31 13.76 -21.00
CA THR A 152 25.73 14.10 -20.84
C THR A 152 25.99 15.54 -21.27
N GLU A 153 25.10 16.45 -20.93
CA GLU A 153 25.37 17.86 -21.22
C GLU A 153 26.47 18.37 -20.31
N ILE A 154 27.30 19.30 -20.82
CA ILE A 154 28.35 19.90 -19.98
C ILE A 154 27.67 20.70 -18.89
N TYR A 155 28.11 20.50 -17.65
CA TYR A 155 27.46 21.10 -16.50
C TYR A 155 28.07 22.47 -16.29
N GLN A 156 27.24 23.51 -16.29
CA GLN A 156 27.70 24.88 -16.09
C GLN A 156 27.75 25.14 -14.57
N ALA A 157 28.94 25.10 -13.99
CA ALA A 157 29.03 25.24 -12.56
C ALA A 157 29.11 26.71 -12.17
N GLY A 158 29.45 27.59 -13.09
CA GLY A 158 29.53 29.00 -12.77
C GLY A 158 28.61 29.86 -13.61
N SER A 159 28.81 31.18 -13.59
CA SER A 159 27.89 32.06 -14.31
C SER A 159 28.15 32.08 -15.81
N THR A 160 29.32 31.62 -16.25
CA THR A 160 29.66 31.74 -17.67
C THR A 160 29.19 30.51 -18.46
N PRO A 161 28.52 30.72 -19.59
CA PRO A 161 28.05 29.61 -20.43
C PRO A 161 29.22 28.82 -20.98
N CYS A 162 29.01 27.49 -21.09
CA CYS A 162 30.09 26.62 -21.51
C CYS A 162 30.19 26.54 -23.02
N ASN A 163 29.07 26.71 -23.74
CA ASN A 163 29.12 26.77 -25.22
C ASN A 163 29.85 25.58 -25.83
N GLY A 164 29.60 24.39 -25.28
CA GLY A 164 30.14 23.18 -25.85
C GLY A 164 31.62 22.97 -25.62
N VAL A 165 32.25 23.68 -24.69
CA VAL A 165 33.66 23.46 -24.39
C VAL A 165 33.82 23.16 -22.91
N GLU A 166 34.50 22.05 -22.59
CA GLU A 166 34.83 21.72 -21.20
C GLU A 166 35.98 22.56 -20.67
N GLY A 167 35.93 22.88 -19.39
CA GLY A 167 36.99 23.69 -18.78
C GLY A 167 36.71 23.85 -17.31
N PHE A 168 37.42 24.80 -16.67
CA PHE A 168 37.10 25.06 -15.27
C PHE A 168 35.67 25.61 -15.22
N ASN A 169 34.88 25.14 -14.27
CA ASN A 169 33.45 25.44 -14.12
C ASN A 169 32.57 24.97 -15.29
N CYS A 170 33.08 24.10 -16.19
CA CYS A 170 32.29 23.56 -17.32
C CYS A 170 32.64 22.08 -17.39
N TYR A 171 31.85 21.22 -16.74
CA TYR A 171 32.28 19.85 -16.46
C TYR A 171 31.50 18.81 -17.24
N PHE A 172 32.24 17.80 -17.73
CA PHE A 172 31.59 16.56 -18.15
C PHE A 172 30.91 15.97 -16.90
N PRO A 173 29.62 15.59 -16.96
CA PRO A 173 28.88 15.36 -15.70
C PRO A 173 29.05 13.98 -15.06
N LEU A 174 29.57 12.98 -15.78
CA LEU A 174 29.72 11.63 -15.25
C LEU A 174 31.17 11.40 -14.83
N GLN A 175 31.35 10.51 -13.86
CA GLN A 175 32.67 10.22 -13.30
C GLN A 175 32.85 8.74 -13.12
N SER A 176 33.99 8.19 -13.54
CA SER A 176 34.29 6.80 -13.26
C SER A 176 34.72 6.64 -11.80
N TYR A 177 34.27 5.57 -11.15
CA TYR A 177 34.82 5.23 -9.85
C TYR A 177 36.27 4.80 -9.91
N GLY A 178 36.62 4.04 -10.94
CA GLY A 178 37.99 3.53 -11.09
C GLY A 178 38.40 2.54 -9.99
N PHE A 179 37.51 1.60 -9.67
CA PHE A 179 37.76 0.69 -8.54
C PHE A 179 39.08 -0.08 -8.70
N GLN A 180 39.89 -0.08 -7.64
CA GLN A 180 41.13 -0.88 -7.57
C GLN A 180 41.04 -1.82 -6.39
N PRO A 181 41.58 -3.04 -6.51
CA PRO A 181 41.39 -4.05 -5.45
C PRO A 181 42.02 -3.65 -4.13
N THR A 182 42.99 -2.74 -4.15
CA THR A 182 43.65 -2.21 -2.96
C THR A 182 42.89 -1.04 -2.33
N ASN A 183 41.76 -0.58 -2.90
CA ASN A 183 41.02 0.48 -2.24
C ASN A 183 40.61 0.03 -0.84
N GLY A 184 40.44 1.01 0.06
CA GLY A 184 39.80 0.73 1.33
C GLY A 184 38.36 0.27 1.14
N VAL A 185 37.87 -0.49 2.12
CA VAL A 185 36.56 -1.15 1.97
C VAL A 185 35.46 -0.14 1.67
N GLY A 186 35.51 1.04 2.29
CA GLY A 186 34.52 2.08 1.99
C GLY A 186 34.54 2.54 0.54
N TYR A 187 35.66 2.36 -0.14
CA TYR A 187 35.79 2.74 -1.53
C TYR A 187 35.73 1.54 -2.47
N GLN A 188 35.42 0.34 -1.98
CA GLN A 188 35.33 -0.81 -2.85
C GLN A 188 33.94 -0.87 -3.50
N PRO A 189 33.80 -1.58 -4.61
CA PRO A 189 32.50 -1.67 -5.29
C PRO A 189 31.58 -2.62 -4.52
N TYR A 190 30.30 -2.23 -4.44
CA TYR A 190 29.24 -3.05 -3.89
C TYR A 190 28.18 -3.19 -4.97
N ARG A 191 27.73 -4.44 -5.19
CA ARG A 191 26.56 -4.66 -6.01
C ARG A 191 25.32 -4.46 -5.16
N VAL A 192 24.31 -3.82 -5.76
CA VAL A 192 23.10 -3.45 -5.05
C VAL A 192 21.92 -3.92 -5.89
N VAL A 193 20.96 -4.55 -5.24
CA VAL A 193 19.70 -4.89 -5.87
C VAL A 193 18.60 -4.29 -4.99
N VAL A 194 17.74 -3.49 -5.59
CA VAL A 194 16.55 -2.95 -4.93
C VAL A 194 15.33 -3.66 -5.49
N LEU A 195 14.59 -4.35 -4.64
CA LEU A 195 13.32 -4.98 -5.00
C LEU A 195 12.19 -4.05 -4.58
N SER A 196 11.43 -3.55 -5.55
CA SER A 196 10.27 -2.70 -5.30
C SER A 196 9.06 -3.58 -5.40
N PHE A 197 8.22 -3.57 -4.37
CA PHE A 197 7.00 -4.38 -4.35
C PHE A 197 5.83 -3.50 -4.78
N GLU A 198 5.25 -3.78 -5.95
CA GLU A 198 4.20 -2.91 -6.45
C GLU A 198 2.92 -3.25 -5.71
N LEU A 199 2.31 -2.22 -5.10
CA LEU A 199 1.07 -2.38 -4.37
C LEU A 199 -0.02 -1.78 -5.25
N LEU A 200 -0.56 -2.61 -6.13
CA LEU A 200 -1.65 -2.18 -7.00
C LEU A 200 -2.84 -3.09 -6.69
N HIS A 201 -4.03 -2.50 -6.66
CA HIS A 201 -5.24 -3.27 -6.39
C HIS A 201 -5.63 -3.93 -7.71
N ALA A 202 -5.09 -5.11 -7.94
CA ALA A 202 -5.27 -5.88 -9.16
C ALA A 202 -4.82 -7.30 -8.85
N PRO A 203 -5.02 -8.25 -9.76
CA PRO A 203 -4.64 -9.63 -9.42
C PRO A 203 -3.14 -9.76 -9.23
N ALA A 204 -2.75 -10.41 -8.14
CA ALA A 204 -1.34 -10.65 -7.88
C ALA A 204 -0.78 -11.63 -8.91
N THR A 205 0.44 -11.36 -9.40
CA THR A 205 1.12 -12.31 -10.28
C THR A 205 2.43 -12.81 -9.70
N VAL A 206 2.90 -12.26 -8.58
CA VAL A 206 4.15 -12.69 -7.97
C VAL A 206 3.86 -13.03 -6.52
N CYS A 207 3.79 -14.33 -6.21
CA CYS A 207 3.54 -14.82 -4.87
C CYS A 207 4.65 -15.78 -4.48
N GLY A 208 4.78 -16.00 -3.17
CA GLY A 208 5.74 -16.95 -2.63
C GLY A 208 5.30 -18.37 -2.90
N PRO A 209 6.13 -19.34 -2.57
CA PRO A 209 5.77 -20.73 -2.85
C PRO A 209 4.54 -21.15 -2.08
N LYS A 210 4.66 -21.18 -0.76
CA LYS A 210 3.56 -21.58 0.12
C LYS A 210 2.82 -22.83 -0.37
N ASN B 16 -67.37 -18.35 4.85
CA ASN B 16 -66.20 -18.97 5.50
C ASN B 16 -64.89 -18.51 4.82
N LEU B 17 -64.58 -17.22 4.95
CA LEU B 17 -63.41 -16.66 4.27
C LEU B 17 -62.10 -17.15 4.87
N CYS B 18 -61.11 -17.34 4.01
CA CYS B 18 -59.79 -17.69 4.52
C CYS B 18 -59.23 -16.48 5.27
N PRO B 19 -58.53 -16.70 6.38
CA PRO B 19 -58.09 -15.59 7.25
C PRO B 19 -56.84 -14.87 6.76
N PHE B 20 -56.88 -14.37 5.53
CA PHE B 20 -55.73 -13.63 5.01
C PHE B 20 -55.49 -12.36 5.79
N GLY B 21 -56.55 -11.75 6.33
CA GLY B 21 -56.37 -10.57 7.16
C GLY B 21 -55.45 -10.82 8.34
N GLU B 22 -55.63 -11.95 9.02
CA GLU B 22 -54.75 -12.32 10.12
C GLU B 22 -53.29 -12.37 9.70
N VAL B 23 -53.03 -12.76 8.45
CA VAL B 23 -51.64 -12.88 7.97
C VAL B 23 -51.09 -11.52 7.57
N PHE B 24 -51.79 -10.83 6.64
CA PHE B 24 -51.23 -9.60 6.06
C PHE B 24 -51.30 -8.41 7.00
N ASN B 25 -52.27 -8.40 7.91
CA ASN B 25 -52.46 -7.26 8.80
C ASN B 25 -52.07 -7.62 10.24
N ALA B 26 -51.26 -8.66 10.42
CA ALA B 26 -50.79 -8.97 11.77
C ALA B 26 -49.99 -7.78 12.32
N THR B 27 -50.11 -7.54 13.62
CA THR B 27 -49.41 -6.42 14.23
C THR B 27 -47.89 -6.63 14.22
N ARG B 28 -47.46 -7.85 14.50
CA ARG B 28 -46.06 -8.22 14.58
C ARG B 28 -45.75 -9.25 13.51
N PHE B 29 -44.57 -9.16 12.89
CA PHE B 29 -44.09 -10.17 11.93
C PHE B 29 -42.88 -10.87 12.52
N ALA B 30 -42.62 -12.09 12.05
CA ALA B 30 -41.46 -12.89 12.44
C ALA B 30 -40.18 -12.31 11.87
N SER B 31 -39.07 -12.58 12.56
CA SER B 31 -37.75 -12.44 11.92
C SER B 31 -37.59 -13.50 10.85
N VAL B 32 -36.85 -13.17 9.78
CA VAL B 32 -36.77 -14.12 8.67
C VAL B 32 -36.07 -15.44 9.08
N TYR B 33 -35.09 -15.42 9.98
CA TYR B 33 -34.47 -16.70 10.33
C TYR B 33 -35.46 -17.62 11.03
N ALA B 34 -36.45 -17.07 11.70
CA ALA B 34 -37.45 -17.83 12.43
C ALA B 34 -38.81 -17.61 11.79
N TRP B 35 -38.85 -17.66 10.47
CA TRP B 35 -40.02 -17.24 9.71
C TRP B 35 -41.25 -18.04 10.13
N ASN B 36 -42.39 -17.37 10.09
CA ASN B 36 -43.64 -17.97 10.54
C ASN B 36 -44.37 -18.66 9.39
N ARG B 37 -45.00 -19.79 9.69
CA ARG B 37 -45.87 -20.48 8.73
C ARG B 37 -47.26 -20.64 9.33
N LYS B 38 -48.27 -20.26 8.57
CA LYS B 38 -49.69 -20.48 8.84
C LYS B 38 -50.23 -21.41 7.77
N ARG B 39 -50.88 -22.50 8.18
CA ARG B 39 -51.56 -23.38 7.23
C ARG B 39 -52.99 -22.87 7.05
N ILE B 40 -53.42 -22.77 5.79
CA ILE B 40 -54.73 -22.27 5.42
C ILE B 40 -55.46 -23.36 4.67
N SER B 41 -56.63 -23.75 5.19
CA SER B 41 -57.34 -24.91 4.69
C SER B 41 -58.83 -24.76 4.98
N ASN B 42 -59.64 -25.45 4.16
CA ASN B 42 -61.08 -25.60 4.38
C ASN B 42 -61.76 -24.25 4.51
N CYS B 43 -61.57 -23.41 3.51
CA CYS B 43 -62.09 -22.05 3.54
C CYS B 43 -62.18 -21.57 2.10
N VAL B 44 -62.88 -20.46 1.92
CA VAL B 44 -62.96 -19.77 0.63
C VAL B 44 -61.92 -18.66 0.61
N ALA B 45 -61.06 -18.69 -0.41
CA ALA B 45 -59.97 -17.74 -0.52
C ALA B 45 -60.30 -16.68 -1.57
N ASP B 46 -60.30 -15.43 -1.17
CA ASP B 46 -60.47 -14.30 -2.09
C ASP B 46 -59.13 -13.60 -2.24
N TYR B 47 -58.37 -13.99 -3.27
CA TYR B 47 -57.09 -13.36 -3.56
C TYR B 47 -57.23 -12.01 -4.25
N SER B 48 -58.38 -11.72 -4.86
CA SER B 48 -58.53 -10.47 -5.61
C SER B 48 -58.33 -9.26 -4.71
N VAL B 49 -58.71 -9.35 -3.43
CA VAL B 49 -58.45 -8.25 -2.50
C VAL B 49 -56.95 -7.98 -2.41
N LEU B 50 -56.12 -9.01 -2.52
CA LEU B 50 -54.69 -8.83 -2.51
C LEU B 50 -54.18 -8.27 -3.83
N TYR B 51 -54.51 -8.94 -4.94
CA TYR B 51 -53.91 -8.50 -6.21
C TYR B 51 -54.50 -7.18 -6.70
N ASN B 52 -55.81 -6.97 -6.53
CA ASN B 52 -56.48 -5.76 -7.02
C ASN B 52 -56.38 -4.66 -5.96
N SER B 53 -55.16 -4.19 -5.80
CA SER B 53 -54.83 -3.14 -4.85
C SER B 53 -53.56 -2.47 -5.34
N ALA B 54 -53.23 -1.34 -4.72
CA ALA B 54 -51.98 -0.65 -4.93
C ALA B 54 -50.99 -0.91 -3.78
N SER B 55 -51.28 -1.88 -2.91
CA SER B 55 -50.55 -2.00 -1.66
C SER B 55 -49.22 -2.70 -1.80
N PHE B 56 -48.96 -3.44 -2.89
CA PHE B 56 -47.83 -4.36 -2.87
C PHE B 56 -46.84 -4.01 -3.97
N SER B 57 -45.65 -3.55 -3.58
CA SER B 57 -44.60 -3.31 -4.54
C SER B 57 -44.05 -4.59 -5.12
N THR B 58 -44.20 -5.72 -4.42
CA THR B 58 -43.84 -7.00 -5.02
C THR B 58 -45.06 -7.89 -4.98
N PHE B 59 -45.41 -8.45 -6.14
CA PHE B 59 -46.45 -9.45 -6.23
C PHE B 59 -46.07 -10.31 -7.43
N LYS B 60 -45.30 -11.37 -7.19
CA LYS B 60 -44.78 -12.23 -8.24
C LYS B 60 -45.32 -13.63 -8.04
N CYS B 61 -45.97 -14.18 -9.07
CA CYS B 61 -46.54 -15.53 -9.00
C CYS B 61 -45.77 -16.46 -9.91
N TYR B 62 -45.65 -17.71 -9.47
CA TYR B 62 -44.89 -18.77 -10.10
C TYR B 62 -45.81 -19.98 -10.28
N GLY B 63 -46.04 -20.37 -11.53
CA GLY B 63 -46.91 -21.49 -11.85
C GLY B 63 -48.38 -21.15 -11.89
N VAL B 64 -48.77 -19.91 -11.60
CA VAL B 64 -50.15 -19.46 -11.64
C VAL B 64 -50.15 -18.05 -12.18
N SER B 65 -51.34 -17.58 -12.63
CA SER B 65 -51.49 -16.18 -13.05
C SER B 65 -52.19 -15.36 -11.99
N PRO B 66 -51.69 -14.17 -11.65
CA PRO B 66 -52.36 -13.38 -10.60
C PRO B 66 -53.77 -12.99 -10.92
N THR B 67 -54.08 -12.77 -12.19
CA THR B 67 -55.44 -12.38 -12.56
C THR B 67 -56.45 -13.50 -12.33
N LYS B 68 -56.01 -14.76 -12.35
CA LYS B 68 -56.94 -15.90 -12.35
C LYS B 68 -56.88 -16.71 -11.05
N LEU B 69 -56.34 -16.14 -9.96
CA LEU B 69 -56.14 -16.91 -8.74
C LEU B 69 -57.46 -17.33 -8.11
N ASN B 70 -58.50 -16.52 -8.25
CA ASN B 70 -59.80 -16.88 -7.70
C ASN B 70 -60.43 -18.07 -8.44
N ASP B 71 -59.88 -18.46 -9.58
CA ASP B 71 -60.34 -19.63 -10.32
C ASP B 71 -59.68 -20.93 -9.88
N LEU B 72 -58.77 -20.89 -8.92
CA LEU B 72 -57.95 -22.05 -8.58
C LEU B 72 -58.45 -22.76 -7.32
N CYS B 73 -58.18 -24.06 -7.26
CA CYS B 73 -58.54 -24.91 -6.14
C CYS B 73 -57.28 -25.61 -5.67
N PHE B 74 -57.03 -25.61 -4.36
CA PHE B 74 -55.83 -26.24 -3.81
C PHE B 74 -56.21 -27.11 -2.60
N THR B 75 -55.36 -28.10 -2.30
CA THR B 75 -55.56 -28.91 -1.10
C THR B 75 -55.32 -28.09 0.16
N ASN B 76 -54.24 -27.30 0.18
CA ASN B 76 -53.87 -26.43 1.30
C ASN B 76 -53.09 -25.26 0.70
N VAL B 77 -53.06 -24.17 1.46
CA VAL B 77 -52.20 -23.04 1.16
C VAL B 77 -51.36 -22.77 2.40
N TYR B 78 -50.06 -22.53 2.23
CA TYR B 78 -49.23 -22.13 3.36
C TYR B 78 -48.84 -20.68 3.16
N ALA B 79 -48.95 -19.89 4.22
CA ALA B 79 -48.60 -18.49 4.20
C ALA B 79 -47.42 -18.32 5.15
N ASP B 80 -46.23 -18.11 4.56
CA ASP B 80 -45.00 -17.85 5.30
C ASP B 80 -44.78 -16.35 5.37
N SER B 81 -44.41 -15.83 6.54
CA SER B 81 -44.27 -14.39 6.63
C SER B 81 -43.10 -14.00 7.53
N PHE B 82 -42.53 -12.82 7.21
CA PHE B 82 -41.28 -12.39 7.86
C PHE B 82 -40.93 -11.01 7.33
N VAL B 83 -39.91 -10.41 7.93
CA VAL B 83 -39.42 -9.09 7.54
C VAL B 83 -37.97 -9.23 7.07
N ILE B 84 -37.66 -8.54 5.98
CA ILE B 84 -36.27 -8.40 5.50
C ILE B 84 -36.08 -6.98 4.97
N ARG B 85 -34.88 -6.66 4.50
CA ARG B 85 -34.61 -5.40 3.82
C ARG B 85 -35.23 -5.35 2.44
N GLY B 86 -35.53 -4.13 1.99
CA GLY B 86 -36.07 -3.95 0.66
C GLY B 86 -35.21 -4.56 -0.43
N ASP B 87 -33.89 -4.34 -0.34
CA ASP B 87 -32.93 -4.84 -1.31
C ASP B 87 -32.84 -6.37 -1.32
N GLU B 88 -33.37 -7.03 -0.31
CA GLU B 88 -33.33 -8.49 -0.23
C GLU B 88 -34.60 -9.14 -0.74
N VAL B 89 -35.65 -8.36 -1.04
CA VAL B 89 -36.89 -9.01 -1.50
C VAL B 89 -36.64 -9.82 -2.77
N ARG B 90 -35.72 -9.38 -3.61
CA ARG B 90 -35.40 -10.14 -4.81
C ARG B 90 -34.87 -11.53 -4.51
N GLN B 91 -34.29 -11.77 -3.33
CA GLN B 91 -33.85 -13.13 -3.01
C GLN B 91 -34.99 -14.09 -2.69
N ILE B 92 -36.20 -13.58 -2.44
CA ILE B 92 -37.33 -14.47 -2.18
C ILE B 92 -37.95 -14.91 -3.51
N ALA B 93 -37.25 -15.78 -4.23
CA ALA B 93 -37.63 -16.24 -5.57
C ALA B 93 -36.89 -17.54 -5.85
N PRO B 94 -37.44 -18.43 -6.68
CA PRO B 94 -36.68 -19.65 -7.06
C PRO B 94 -35.33 -19.27 -7.67
N GLY B 95 -34.30 -20.04 -7.31
CA GLY B 95 -32.99 -19.91 -7.95
C GLY B 95 -32.12 -18.76 -7.49
N GLN B 96 -32.42 -18.13 -6.37
CA GLN B 96 -31.64 -16.98 -5.93
C GLN B 96 -30.57 -17.41 -4.94
N THR B 97 -29.56 -16.56 -4.80
CA THR B 97 -28.54 -16.75 -3.80
C THR B 97 -28.35 -15.44 -3.05
N GLY B 98 -27.63 -15.51 -1.93
CA GLY B 98 -27.49 -14.39 -1.02
C GLY B 98 -27.76 -14.84 0.40
N LYS B 99 -27.50 -13.94 1.35
CA LYS B 99 -27.59 -14.35 2.76
C LYS B 99 -29.00 -14.84 3.10
N ILE B 100 -30.02 -14.21 2.52
CA ILE B 100 -31.38 -14.57 2.86
C ILE B 100 -31.75 -15.92 2.24
N ALA B 101 -31.58 -16.06 0.91
CA ALA B 101 -31.89 -17.33 0.25
C ALA B 101 -31.02 -18.45 0.75
N ASP B 102 -29.74 -18.18 1.03
CA ASP B 102 -28.87 -19.29 1.41
C ASP B 102 -29.05 -19.72 2.86
N TYR B 103 -29.23 -18.76 3.78
CA TYR B 103 -29.14 -19.07 5.19
C TYR B 103 -30.43 -18.87 5.99
N ASN B 104 -31.50 -18.34 5.39
CA ASN B 104 -32.67 -17.92 6.15
C ASN B 104 -33.95 -18.50 5.61
N TYR B 105 -34.25 -18.26 4.33
CA TYR B 105 -35.52 -18.74 3.76
C TYR B 105 -35.28 -19.08 2.31
N LYS B 106 -35.46 -20.33 1.93
CA LYS B 106 -35.09 -20.81 0.59
C LYS B 106 -36.32 -21.32 -0.14
N LEU B 107 -36.63 -20.76 -1.30
CA LEU B 107 -37.72 -21.32 -2.09
C LEU B 107 -37.20 -22.43 -3.02
N PRO B 108 -37.97 -23.49 -3.26
CA PRO B 108 -37.51 -24.53 -4.21
C PRO B 108 -37.56 -24.06 -5.65
N ASP B 109 -36.76 -24.72 -6.50
CA ASP B 109 -36.76 -24.38 -7.93
C ASP B 109 -38.16 -24.49 -8.53
N ASP B 110 -38.92 -25.51 -8.15
CA ASP B 110 -40.23 -25.78 -8.73
C ASP B 110 -41.37 -25.12 -7.93
N PHE B 111 -41.09 -24.01 -7.29
CA PHE B 111 -42.07 -23.33 -6.45
C PHE B 111 -43.36 -23.00 -7.19
N THR B 112 -44.51 -23.26 -6.57
CA THR B 112 -45.80 -22.83 -7.08
C THR B 112 -46.45 -21.96 -6.03
N GLY B 113 -46.65 -20.68 -6.35
CA GLY B 113 -47.19 -19.78 -5.36
C GLY B 113 -46.90 -18.34 -5.72
N CYS B 114 -47.11 -17.45 -4.74
CA CYS B 114 -46.93 -16.02 -4.94
C CYS B 114 -46.08 -15.46 -3.80
N VAL B 115 -45.21 -14.52 -4.14
CA VAL B 115 -44.40 -13.77 -3.19
C VAL B 115 -44.90 -12.33 -3.19
N ILE B 116 -45.28 -11.83 -2.02
CA ILE B 116 -45.94 -10.53 -1.89
C ILE B 116 -45.16 -9.73 -0.87
N ALA B 117 -44.84 -8.47 -1.19
CA ALA B 117 -44.02 -7.68 -0.27
C ALA B 117 -44.39 -6.20 -0.33
N TRP B 118 -44.16 -5.51 0.80
CA TRP B 118 -44.48 -4.09 0.91
C TRP B 118 -43.61 -3.43 1.97
N ASN B 119 -43.29 -2.14 1.72
CA ASN B 119 -42.49 -1.35 2.68
C ASN B 119 -43.22 -1.21 4.01
N SER B 120 -42.54 -1.52 5.12
CA SER B 120 -43.14 -1.41 6.45
C SER B 120 -42.33 -0.48 7.35
N ASN B 121 -41.61 0.48 6.75
CA ASN B 121 -40.81 1.44 7.54
C ASN B 121 -41.65 2.15 8.60
N ASN B 122 -42.92 2.43 8.30
CA ASN B 122 -43.71 3.12 9.32
C ASN B 122 -44.07 2.22 10.50
N LEU B 123 -43.98 0.89 10.36
CA LEU B 123 -44.30 -0.04 11.43
C LEU B 123 -43.08 -0.65 12.09
N ASP B 124 -42.00 -0.88 11.35
CA ASP B 124 -40.94 -1.77 11.83
C ASP B 124 -39.61 -1.07 12.08
N SER B 125 -39.50 0.22 11.83
CA SER B 125 -38.27 0.94 12.19
C SER B 125 -38.44 1.65 13.51
N LYS B 126 -37.31 1.94 14.15
CA LYS B 126 -37.32 2.66 15.43
C LYS B 126 -36.17 3.65 15.46
N VAL B 127 -36.38 4.81 16.08
CA VAL B 127 -35.23 5.70 16.32
C VAL B 127 -34.24 5.00 17.22
N GLY B 128 -32.98 5.00 16.81
CA GLY B 128 -31.99 4.27 17.57
C GLY B 128 -31.79 2.84 17.09
N GLY B 129 -32.67 2.36 16.24
CA GLY B 129 -32.61 1.03 15.63
C GLY B 129 -33.61 0.04 16.25
N ASN B 130 -34.32 -0.69 15.41
CA ASN B 130 -35.10 -1.84 15.90
C ASN B 130 -34.25 -3.09 15.80
N TYR B 131 -33.79 -3.58 16.95
CA TYR B 131 -32.93 -4.76 16.98
C TYR B 131 -33.69 -6.09 17.05
N ASN B 132 -35.01 -6.03 17.13
CA ASN B 132 -35.78 -7.26 17.26
C ASN B 132 -35.99 -8.02 15.95
N TYR B 133 -35.68 -7.45 14.78
CA TYR B 133 -35.69 -8.26 13.57
C TYR B 133 -34.27 -8.73 13.25
N LEU B 134 -34.10 -10.04 13.08
CA LEU B 134 -32.77 -10.64 12.87
C LEU B 134 -32.73 -11.45 11.58
N TYR B 135 -31.51 -11.69 11.10
CA TYR B 135 -31.32 -12.69 10.04
C TYR B 135 -30.05 -13.45 10.31
N ARG B 136 -29.95 -14.66 9.80
CA ARG B 136 -28.76 -15.48 10.00
C ARG B 136 -27.72 -15.01 9.01
N LEU B 137 -26.56 -14.63 9.51
CA LEU B 137 -25.48 -14.05 8.71
C LEU B 137 -24.42 -15.08 8.32
N PHE B 138 -24.27 -16.15 9.11
CA PHE B 138 -23.23 -17.15 8.92
C PHE B 138 -23.87 -18.52 9.02
N ARG B 139 -23.44 -19.43 8.14
CA ARG B 139 -23.89 -20.82 8.20
C ARG B 139 -22.90 -21.71 7.45
N LYS B 140 -22.74 -22.95 7.94
CA LYS B 140 -21.78 -23.88 7.34
C LYS B 140 -22.24 -24.39 5.98
N SER B 141 -23.54 -24.38 5.71
CA SER B 141 -24.07 -24.90 4.44
C SER B 141 -25.39 -24.21 4.15
N ASN B 142 -25.83 -24.26 2.90
CA ASN B 142 -27.08 -23.62 2.53
C ASN B 142 -28.28 -24.41 3.06
N LEU B 143 -29.37 -23.70 3.34
CA LEU B 143 -30.63 -24.33 3.73
C LEU B 143 -31.22 -25.08 2.55
N LYS B 144 -31.92 -26.17 2.84
CA LYS B 144 -32.79 -26.81 1.87
C LYS B 144 -34.07 -25.99 1.72
N PRO B 145 -34.82 -26.17 0.63
CA PRO B 145 -36.08 -25.40 0.46
C PRO B 145 -37.01 -25.59 1.65
N PHE B 146 -37.53 -24.46 2.17
CA PHE B 146 -38.50 -24.42 3.28
C PHE B 146 -37.91 -24.99 4.56
N GLU B 147 -36.60 -25.07 4.66
CA GLU B 147 -35.96 -25.44 5.93
C GLU B 147 -35.91 -24.20 6.82
N ARG B 148 -36.02 -24.41 8.12
CA ARG B 148 -35.91 -23.33 9.11
C ARG B 148 -34.82 -23.71 10.09
N ASP B 149 -33.87 -22.80 10.35
CA ASP B 149 -32.78 -23.04 11.29
C ASP B 149 -32.85 -21.94 12.35
N ILE B 150 -33.12 -22.33 13.60
CA ILE B 150 -33.18 -21.34 14.68
C ILE B 150 -32.07 -21.55 15.71
N SER B 151 -31.06 -22.33 15.36
CA SER B 151 -29.94 -22.59 16.25
C SER B 151 -29.06 -21.34 16.41
N THR B 152 -28.31 -21.29 17.52
CA THR B 152 -27.45 -20.13 17.77
C THR B 152 -26.05 -20.56 18.21
N GLU B 153 -25.49 -21.58 17.56
CA GLU B 153 -24.14 -22.00 17.88
C GLU B 153 -23.13 -20.98 17.34
N ILE B 154 -22.03 -20.79 18.07
CA ILE B 154 -21.01 -19.84 17.61
C ILE B 154 -20.41 -20.38 16.32
N TYR B 155 -20.32 -19.53 15.32
CA TYR B 155 -19.86 -19.97 14.01
C TYR B 155 -18.34 -19.88 13.93
N GLN B 156 -17.71 -20.99 13.53
CA GLN B 156 -16.25 -21.04 13.41
C GLN B 156 -15.81 -20.51 12.07
N ALA B 157 -15.33 -19.27 12.03
CA ALA B 157 -14.90 -18.64 10.79
C ALA B 157 -13.43 -18.88 10.46
N GLY B 158 -12.62 -19.31 11.41
CA GLY B 158 -11.21 -19.55 11.13
C GLY B 158 -10.85 -20.99 11.42
N SER B 159 -9.56 -21.30 11.43
CA SER B 159 -9.12 -22.67 11.65
C SER B 159 -9.20 -23.09 13.11
N THR B 160 -9.30 -22.12 14.06
CA THR B 160 -9.29 -22.48 15.48
C THR B 160 -10.71 -22.78 15.98
N PRO B 161 -10.90 -23.87 16.72
CA PRO B 161 -12.23 -24.18 17.26
C PRO B 161 -12.72 -23.14 18.26
N CYS B 162 -14.02 -22.85 18.23
CA CYS B 162 -14.56 -21.80 19.09
C CYS B 162 -14.94 -22.30 20.47
N ASN B 163 -15.30 -23.57 20.59
CA ASN B 163 -15.66 -24.17 21.87
C ASN B 163 -16.74 -23.35 22.57
N GLY B 164 -17.69 -22.81 21.79
CA GLY B 164 -18.82 -22.10 22.35
C GLY B 164 -18.52 -20.72 22.88
N VAL B 165 -17.35 -20.16 22.56
CA VAL B 165 -16.96 -18.88 23.12
C VAL B 165 -16.92 -17.87 21.99
N GLU B 166 -17.66 -16.79 22.15
CA GLU B 166 -17.65 -15.73 21.18
C GLU B 166 -16.30 -15.02 21.22
N GLY B 167 -15.77 -14.69 20.04
CA GLY B 167 -14.43 -14.15 19.98
C GLY B 167 -14.07 -13.69 18.58
N PHE B 168 -12.76 -13.53 18.37
CA PHE B 168 -12.26 -12.81 17.18
C PHE B 168 -12.76 -13.40 15.87
N ASN B 169 -12.56 -14.70 15.67
CA ASN B 169 -12.96 -15.44 14.48
C ASN B 169 -14.11 -16.39 14.77
N CYS B 170 -14.83 -16.15 15.86
CA CYS B 170 -15.88 -17.01 16.38
C CYS B 170 -17.13 -16.14 16.60
N TYR B 171 -18.08 -16.25 15.67
CA TYR B 171 -19.18 -15.30 15.55
C TYR B 171 -20.49 -15.82 16.08
N PHE B 172 -21.21 -14.95 16.79
CA PHE B 172 -22.63 -15.18 17.00
C PHE B 172 -23.32 -15.20 15.62
N PRO B 173 -24.14 -16.20 15.32
CA PRO B 173 -24.51 -16.42 13.93
C PRO B 173 -25.65 -15.54 13.41
N LEU B 174 -26.42 -14.87 14.26
CA LEU B 174 -27.52 -14.02 13.83
C LEU B 174 -27.11 -12.55 13.92
N GLN B 175 -27.79 -11.73 13.15
CA GLN B 175 -27.47 -10.30 13.05
C GLN B 175 -28.77 -9.52 13.11
N SER B 176 -28.80 -8.48 13.93
CA SER B 176 -29.96 -7.60 13.93
C SER B 176 -29.91 -6.67 12.74
N TYR B 177 -31.06 -6.41 12.14
CA TYR B 177 -31.12 -5.37 11.12
C TYR B 177 -30.92 -3.98 11.69
N GLY B 178 -31.47 -3.68 12.87
CA GLY B 178 -31.36 -2.31 13.40
C GLY B 178 -32.06 -1.27 12.55
N PHE B 179 -33.27 -1.57 12.04
CA PHE B 179 -34.00 -0.65 11.15
C PHE B 179 -34.25 0.69 11.81
N GLN B 180 -33.90 1.79 11.12
CA GLN B 180 -34.12 3.17 11.57
C GLN B 180 -34.97 3.87 10.52
N PRO B 181 -35.89 4.76 10.92
CA PRO B 181 -36.79 5.35 9.93
C PRO B 181 -36.07 6.19 8.90
N THR B 182 -34.88 6.67 9.22
CA THR B 182 -34.06 7.45 8.29
C THR B 182 -33.24 6.59 7.34
N ASN B 183 -33.27 5.27 7.43
CA ASN B 183 -32.53 4.46 6.47
C ASN B 183 -33.01 4.75 5.06
N GLY B 184 -32.13 4.54 4.09
CA GLY B 184 -32.55 4.53 2.69
C GLY B 184 -33.51 3.38 2.41
N VAL B 185 -34.33 3.60 1.39
CA VAL B 185 -35.44 2.70 1.09
C VAL B 185 -34.95 1.27 0.87
N GLY B 186 -33.79 1.10 0.27
CA GLY B 186 -33.25 -0.24 0.08
C GLY B 186 -32.93 -0.95 1.38
N TYR B 187 -32.67 -0.19 2.45
CA TYR B 187 -32.35 -0.75 3.75
C TYR B 187 -33.51 -0.67 4.72
N GLN B 188 -34.68 -0.28 4.26
CA GLN B 188 -35.85 -0.21 5.13
C GLN B 188 -36.48 -1.59 5.23
N PRO B 189 -37.28 -1.83 6.27
CA PRO B 189 -37.96 -3.14 6.42
C PRO B 189 -39.10 -3.29 5.43
N TYR B 190 -39.21 -4.49 4.88
CA TYR B 190 -40.32 -4.92 4.06
C TYR B 190 -40.95 -6.15 4.72
N ARG B 191 -42.28 -6.13 4.82
CA ARG B 191 -43.00 -7.34 5.20
C ARG B 191 -43.23 -8.17 3.96
N VAL B 192 -43.06 -9.50 4.12
CA VAL B 192 -43.13 -10.45 3.04
C VAL B 192 -44.10 -11.54 3.47
N VAL B 193 -45.00 -11.91 2.56
CA VAL B 193 -45.87 -13.06 2.68
C VAL B 193 -45.65 -13.94 1.45
N VAL B 194 -45.29 -15.19 1.69
CA VAL B 194 -45.14 -16.14 0.62
C VAL B 194 -46.30 -17.12 0.73
N LEU B 195 -47.16 -17.14 -0.28
CA LEU B 195 -48.24 -18.13 -0.37
C LEU B 195 -47.77 -19.28 -1.24
N SER B 196 -47.68 -20.48 -0.63
CA SER B 196 -47.33 -21.71 -1.32
C SER B 196 -48.62 -22.44 -1.58
N PHE B 197 -48.84 -22.83 -2.82
CA PHE B 197 -50.07 -23.53 -3.22
C PHE B 197 -49.73 -25.01 -3.26
N GLU B 198 -50.21 -25.76 -2.27
CA GLU B 198 -49.85 -27.17 -2.17
C GLU B 198 -50.72 -27.96 -3.12
N LEU B 199 -50.11 -28.70 -4.05
CA LEU B 199 -50.92 -29.54 -4.92
C LEU B 199 -50.63 -31.02 -4.74
N LEU B 200 -51.54 -31.66 -4.03
CA LEU B 200 -51.49 -33.05 -3.62
C LEU B 200 -52.67 -33.82 -4.20
N HIS B 201 -52.47 -35.13 -4.38
CA HIS B 201 -53.51 -36.00 -4.94
C HIS B 201 -54.55 -36.25 -3.84
N ALA B 202 -55.48 -35.32 -3.74
CA ALA B 202 -56.54 -35.34 -2.75
C ALA B 202 -57.58 -34.31 -3.15
N PRO B 203 -58.73 -34.27 -2.49
CA PRO B 203 -59.72 -33.22 -2.78
C PRO B 203 -59.21 -31.85 -2.35
N ALA B 204 -59.49 -30.85 -3.17
CA ALA B 204 -59.15 -29.47 -2.82
C ALA B 204 -59.98 -28.97 -1.64
N THR B 205 -59.35 -28.21 -0.72
CA THR B 205 -60.08 -27.60 0.38
C THR B 205 -60.04 -26.08 0.40
N VAL B 206 -59.25 -25.43 -0.46
CA VAL B 206 -59.15 -23.97 -0.53
C VAL B 206 -59.46 -23.60 -1.97
N CYS B 207 -60.66 -23.09 -2.22
CA CYS B 207 -61.06 -22.69 -3.56
C CYS B 207 -61.49 -21.24 -3.57
N GLY B 208 -61.48 -20.67 -4.77
CA GLY B 208 -61.92 -19.32 -4.95
C GLY B 208 -63.43 -19.21 -4.79
N PRO B 209 -63.95 -17.98 -4.87
CA PRO B 209 -65.40 -17.79 -4.72
C PRO B 209 -66.17 -18.44 -5.86
N LYS B 210 -67.26 -19.12 -5.51
CA LYS B 210 -68.08 -19.78 -6.53
C LYS B 210 -69.00 -18.78 -7.24
N GLN C 1 48.16 5.38 -1.53
CA GLN C 1 49.36 6.10 -1.06
C GLN C 1 49.96 6.98 -2.16
N VAL C 2 49.10 7.66 -2.94
CA VAL C 2 49.61 8.64 -3.92
C VAL C 2 50.23 9.79 -3.16
N GLN C 3 51.37 10.27 -3.60
CA GLN C 3 51.94 11.47 -3.01
C GLN C 3 52.39 12.41 -4.11
N LEU C 4 52.08 13.69 -3.95
CA LEU C 4 52.39 14.74 -4.91
C LEU C 4 53.35 15.72 -4.26
N VAL C 5 54.47 16.07 -4.92
CA VAL C 5 55.42 17.03 -4.33
C VAL C 5 55.66 18.15 -5.34
N GLU C 6 55.30 19.38 -4.96
CA GLU C 6 55.53 20.54 -5.80
C GLU C 6 56.89 21.14 -5.48
N THR C 7 57.64 21.50 -6.50
CA THR C 7 58.88 22.27 -6.36
C THR C 7 58.93 23.32 -7.44
N GLY C 8 59.91 24.23 -7.35
CA GLY C 8 60.15 25.21 -8.39
C GLY C 8 59.58 26.59 -8.12
N GLY C 9 58.91 26.79 -6.99
CA GLY C 9 58.39 28.11 -6.65
C GLY C 9 59.52 29.04 -6.21
N GLY C 10 59.16 30.26 -5.84
CA GLY C 10 60.10 31.24 -5.38
C GLY C 10 59.67 32.65 -5.77
N PHE C 11 60.63 33.57 -5.74
CA PHE C 11 60.41 34.97 -6.04
C PHE C 11 60.87 35.30 -7.44
N VAL C 12 60.12 36.20 -8.07
CA VAL C 12 60.41 36.58 -9.45
C VAL C 12 59.91 37.99 -9.65
N GLN C 13 60.54 38.71 -10.59
CA GLN C 13 60.13 40.08 -10.85
C GLN C 13 58.98 40.06 -11.86
N PRO C 14 58.14 41.09 -11.87
CA PRO C 14 57.10 41.16 -12.89
C PRO C 14 57.67 41.04 -14.29
N GLY C 15 57.02 40.22 -15.11
CA GLY C 15 57.49 39.86 -16.44
C GLY C 15 58.41 38.66 -16.50
N GLY C 16 58.85 38.12 -15.35
CA GLY C 16 59.74 36.98 -15.33
C GLY C 16 58.98 35.65 -15.50
N SER C 17 59.74 34.55 -15.46
CA SER C 17 59.22 33.21 -15.66
C SER C 17 59.62 32.30 -14.51
N LEU C 18 58.88 31.21 -14.38
CA LEU C 18 59.14 30.17 -13.41
C LEU C 18 58.65 28.86 -14.02
N ARG C 19 59.25 27.75 -13.62
N ARG C 19 59.24 27.75 -13.59
CA ARG C 19 58.76 26.43 -14.03
CA ARG C 19 58.79 26.42 -14.02
C ARG C 19 58.55 25.61 -12.77
C ARG C 19 58.55 25.60 -12.76
N LEU C 20 57.29 25.30 -12.47
CA LEU C 20 56.96 24.44 -11.35
C LEU C 20 56.95 23.00 -11.79
N SER C 21 57.19 22.11 -10.83
CA SER C 21 57.22 20.67 -11.03
C SER C 21 56.33 20.02 -9.99
N CYS C 22 55.57 19.02 -10.42
CA CYS C 22 54.75 18.19 -9.56
C CYS C 22 55.23 16.78 -9.79
N ALA C 23 55.93 16.22 -8.81
CA ALA C 23 56.48 14.87 -8.89
C ALA C 23 55.50 13.94 -8.20
N ALA C 24 54.95 12.99 -8.94
CA ALA C 24 53.92 12.09 -8.43
C ALA C 24 54.55 10.74 -8.13
N SER C 25 54.25 10.18 -6.97
CA SER C 25 54.70 8.84 -6.67
C SER C 25 53.54 8.02 -6.12
N GLY C 26 53.64 6.72 -6.29
CA GLY C 26 52.61 5.83 -5.79
C GLY C 26 51.35 5.83 -6.64
N VAL C 27 51.40 6.33 -7.88
CA VAL C 27 50.20 6.38 -8.73
C VAL C 27 49.96 5.00 -9.31
N THR C 28 48.80 4.44 -9.03
CA THR C 28 48.48 3.12 -9.50
C THR C 28 47.37 3.13 -10.55
N LEU C 29 46.63 4.23 -10.65
CA LEU C 29 45.56 4.35 -11.64
C LEU C 29 46.13 4.46 -13.05
N ASP C 30 45.47 3.82 -14.02
CA ASP C 30 45.90 3.93 -15.41
C ASP C 30 45.55 5.27 -16.03
N TYR C 31 44.45 5.91 -15.61
CA TYR C 31 43.97 7.13 -16.28
C TYR C 31 43.60 8.17 -15.23
N TYR C 32 44.16 9.36 -15.37
CA TYR C 32 43.93 10.35 -14.33
C TYR C 32 44.18 11.73 -14.89
N ALA C 33 43.62 12.71 -14.23
CA ALA C 33 43.90 14.09 -14.58
C ALA C 33 44.83 14.63 -13.52
N ILE C 34 45.74 15.50 -13.93
CA ILE C 34 46.52 16.28 -12.97
C ILE C 34 46.22 17.74 -13.20
N GLY C 35 45.97 18.49 -12.14
CA GLY C 35 45.68 19.91 -12.27
C GLY C 35 46.64 20.74 -11.42
N TRP C 36 46.86 21.98 -11.86
CA TRP C 36 47.49 22.99 -11.04
C TRP C 36 46.40 23.97 -10.60
N PHE C 37 46.40 24.26 -9.31
CA PHE C 37 45.51 25.21 -8.67
C PHE C 37 46.35 26.25 -7.94
N ARG C 38 45.74 27.38 -7.60
CA ARG C 38 46.48 28.37 -6.83
C ARG C 38 45.52 29.02 -5.87
N GLN C 39 46.08 29.50 -4.76
CA GLN C 39 45.33 30.24 -3.78
C GLN C 39 46.11 31.51 -3.46
N ALA C 40 45.58 32.64 -3.89
CA ALA C 40 46.18 33.91 -3.55
C ALA C 40 45.77 34.28 -2.14
N PRO C 41 46.57 35.07 -1.44
CA PRO C 41 46.29 35.36 -0.03
C PRO C 41 44.90 35.94 0.20
N GLY C 42 44.16 35.33 1.11
CA GLY C 42 42.86 35.83 1.48
C GLY C 42 41.73 35.48 0.54
N LYS C 43 41.99 34.71 -0.52
CA LYS C 43 41.03 34.34 -1.56
C LYS C 43 40.84 32.83 -1.58
N GLU C 44 39.76 32.38 -2.25
CA GLU C 44 39.53 30.95 -2.41
C GLU C 44 40.44 30.31 -3.46
N ARG C 45 40.74 29.02 -3.28
CA ARG C 45 41.54 28.28 -4.25
C ARG C 45 40.86 28.21 -5.62
N GLU C 46 41.63 28.32 -6.71
CA GLU C 46 41.03 28.29 -8.05
C GLU C 46 41.90 27.44 -8.98
N GLY C 47 41.25 26.88 -9.98
CA GLY C 47 42.02 26.11 -10.96
C GLY C 47 42.82 27.00 -11.89
N VAL C 48 44.00 26.51 -12.27
CA VAL C 48 44.87 27.18 -13.22
C VAL C 48 45.02 26.35 -14.50
N SER C 49 45.26 25.06 -14.35
CA SER C 49 45.46 24.28 -15.57
C SER C 49 45.18 22.81 -15.29
N CYS C 50 44.83 22.07 -16.34
CA CYS C 50 44.43 20.66 -16.24
C CYS C 50 45.08 19.91 -17.40
N ILE C 51 45.60 18.69 -17.15
CA ILE C 51 46.10 17.83 -18.20
C ILE C 51 45.62 16.39 -17.98
N GLY C 52 45.27 15.73 -19.08
CA GLY C 52 44.84 14.34 -19.05
C GLY C 52 46.00 13.39 -19.33
N SER C 53 46.01 12.28 -18.57
CA SER C 53 47.15 11.37 -18.62
C SER C 53 47.30 10.70 -19.98
N SER C 54 46.19 10.29 -20.61
CA SER C 54 46.33 9.37 -21.74
C SER C 54 46.83 10.09 -22.97
N ASP C 55 46.40 11.33 -23.21
CA ASP C 55 46.75 11.99 -24.46
C ASP C 55 47.35 13.36 -24.25
N GLY C 56 47.51 13.80 -23.00
CA GLY C 56 48.05 15.12 -22.76
C GLY C 56 47.14 16.26 -23.13
N ARG C 57 45.82 16.03 -23.27
CA ARG C 57 44.91 17.16 -23.53
C ARG C 57 44.93 18.13 -22.35
N THR C 58 44.71 19.43 -22.64
CA THR C 58 44.88 20.45 -21.62
C THR C 58 43.75 21.45 -21.68
N TYR C 59 43.48 22.08 -20.53
CA TYR C 59 42.71 23.32 -20.49
C TYR C 59 43.26 24.22 -19.41
N TYR C 60 42.87 25.50 -19.50
CA TYR C 60 43.42 26.58 -18.67
C TYR C 60 42.30 27.47 -18.11
N SER C 61 42.56 28.10 -16.99
CA SER C 61 41.63 29.13 -16.57
C SER C 61 41.76 30.35 -17.49
N ASP C 62 40.73 31.19 -17.51
CA ASP C 62 40.79 32.40 -18.33
C ASP C 62 41.90 33.34 -17.88
N SER C 63 42.23 33.33 -16.59
CA SER C 63 43.26 34.20 -16.03
C SER C 63 44.62 33.97 -16.66
N VAL C 64 44.84 32.78 -17.20
CA VAL C 64 46.16 32.38 -17.66
C VAL C 64 46.45 32.81 -19.09
N LYS C 65 45.42 33.05 -19.91
CA LYS C 65 45.59 33.62 -21.24
C LYS C 65 46.89 33.31 -21.97
N GLY C 66 47.20 32.05 -22.24
CA GLY C 66 48.33 31.81 -23.10
C GLY C 66 49.71 31.92 -22.47
N ARG C 67 49.84 32.42 -21.25
CA ARG C 67 51.17 32.56 -20.68
C ARG C 67 51.67 31.34 -19.89
N PHE C 68 50.78 30.41 -19.47
CA PHE C 68 51.23 29.19 -18.80
C PHE C 68 51.09 27.98 -19.71
N THR C 69 51.97 26.98 -19.53
CA THR C 69 51.88 25.72 -20.26
C THR C 69 52.04 24.55 -19.30
N ILE C 70 51.06 23.64 -19.28
CA ILE C 70 51.17 22.44 -18.45
C ILE C 70 51.63 21.32 -19.37
N SER C 71 52.53 20.45 -18.87
CA SER C 71 52.95 19.34 -19.74
C SER C 71 53.39 18.18 -18.85
N ARG C 72 53.39 16.96 -19.40
CA ARG C 72 53.80 15.81 -18.58
C ARG C 72 55.07 15.18 -19.12
N ASP C 73 55.99 14.81 -18.23
CA ASP C 73 57.04 13.82 -18.51
C ASP C 73 56.59 12.47 -17.93
N ASN C 74 56.19 11.55 -18.82
CA ASN C 74 55.72 10.22 -18.40
C ASN C 74 56.83 9.37 -17.81
N ALA C 75 58.07 9.55 -18.31
CA ALA C 75 59.20 8.77 -17.87
C ALA C 75 59.64 9.17 -16.47
N LYS C 76 59.30 10.39 -16.05
CA LYS C 76 59.66 10.88 -14.73
C LYS C 76 58.45 10.97 -13.81
N ASN C 77 57.25 10.63 -14.30
CA ASN C 77 55.99 10.80 -13.56
C ASN C 77 55.90 12.21 -12.96
N THR C 78 56.15 13.18 -13.81
CA THR C 78 56.28 14.55 -13.35
C THR C 78 55.47 15.42 -14.28
N VAL C 79 54.76 16.41 -13.74
CA VAL C 79 53.97 17.34 -14.54
C VAL C 79 54.52 18.73 -14.28
N TYR C 80 54.76 19.50 -15.34
CA TYR C 80 55.34 20.83 -15.26
C TYR C 80 54.30 21.89 -15.53
N LEU C 81 54.48 23.05 -14.89
CA LEU C 81 53.74 24.26 -15.24
C LEU C 81 54.76 25.36 -15.53
N GLN C 82 54.93 25.68 -16.83
CA GLN C 82 55.79 26.77 -17.27
C GLN C 82 54.97 28.07 -17.18
N MET C 83 55.44 29.03 -16.39
CA MET C 83 54.72 30.28 -16.15
C MET C 83 55.53 31.43 -16.70
N ASN C 84 55.00 32.09 -17.71
CA ASN C 84 55.66 33.22 -18.34
C ASN C 84 54.87 34.49 -18.09
N SER C 85 55.52 35.63 -18.34
CA SER C 85 54.87 36.94 -18.21
C SER C 85 54.15 37.08 -16.87
N LEU C 86 54.82 36.66 -15.79
CA LEU C 86 54.21 36.65 -14.47
C LEU C 86 53.91 38.07 -13.99
N LYS C 87 52.80 38.23 -13.27
CA LYS C 87 52.31 39.50 -12.77
C LYS C 87 52.05 39.42 -11.28
N PRO C 88 51.88 40.57 -10.62
CA PRO C 88 51.61 40.53 -9.17
C PRO C 88 50.33 39.78 -8.83
N GLU C 89 49.31 39.84 -9.68
CA GLU C 89 48.08 39.07 -9.48
C GLU C 89 48.34 37.57 -9.33
N ASP C 90 49.47 37.09 -9.86
CA ASP C 90 49.85 35.68 -9.84
C ASP C 90 50.45 35.21 -8.51
N THR C 91 50.74 36.11 -7.59
CA THR C 91 51.25 35.68 -6.30
C THR C 91 50.24 34.77 -5.63
N ALA C 92 50.71 33.62 -5.16
CA ALA C 92 49.81 32.61 -4.60
C ALA C 92 50.63 31.40 -4.16
N VAL C 93 50.00 30.55 -3.39
CA VAL C 93 50.51 29.19 -3.20
C VAL C 93 49.92 28.35 -4.32
N TYR C 94 50.77 27.64 -5.05
CA TYR C 94 50.34 26.77 -6.14
C TYR C 94 50.37 25.33 -5.68
N TYR C 95 49.29 24.61 -5.93
CA TYR C 95 49.13 23.22 -5.56
C TYR C 95 48.98 22.36 -6.80
N CYS C 96 49.56 21.16 -6.80
CA CYS C 96 49.12 20.24 -7.84
C CYS C 96 48.22 19.19 -7.22
N ALA C 97 47.37 18.60 -8.06
CA ALA C 97 46.34 17.69 -7.61
C ALA C 97 46.14 16.61 -8.65
N LEU C 98 45.68 15.45 -8.21
CA LEU C 98 45.47 14.32 -9.10
C LEU C 98 44.09 13.74 -8.84
N THR C 99 43.39 13.38 -9.89
CA THR C 99 42.09 12.76 -9.68
C THR C 99 41.80 11.71 -10.75
N VAL C 100 40.96 10.73 -10.39
CA VAL C 100 40.71 9.62 -11.32
C VAL C 100 39.99 10.11 -12.57
N GLY C 101 40.42 9.60 -13.74
CA GLY C 101 39.81 9.92 -15.02
C GLY C 101 38.52 9.15 -15.24
N THR C 102 37.88 9.38 -16.39
CA THR C 102 36.59 8.78 -16.70
C THR C 102 36.58 8.19 -18.10
N TYR C 103 35.98 7.01 -18.22
CA TYR C 103 35.76 6.34 -19.49
C TYR C 103 34.28 6.37 -19.80
N TYR C 104 33.88 6.93 -20.94
CA TYR C 104 32.47 6.88 -21.28
C TYR C 104 32.35 6.74 -22.81
N SER C 105 31.58 5.73 -23.22
CA SER C 105 31.18 5.56 -24.64
C SER C 105 32.38 5.66 -25.59
N GLY C 106 33.43 4.86 -25.28
CA GLY C 106 34.65 4.68 -26.05
C GLY C 106 35.75 5.73 -25.91
N ASN C 107 35.58 6.76 -25.07
CA ASN C 107 36.59 7.80 -24.99
C ASN C 107 36.85 8.09 -23.52
N TYR C 108 38.01 8.69 -23.22
CA TYR C 108 38.33 9.16 -21.86
C TYR C 108 37.96 10.64 -21.72
N HIS C 109 37.67 11.05 -20.48
CA HIS C 109 37.29 12.39 -20.08
C HIS C 109 38.05 12.76 -18.82
N TYR C 110 38.57 13.99 -18.78
CA TYR C 110 39.42 14.42 -17.69
C TYR C 110 38.89 15.74 -17.16
N THR C 111 38.69 15.81 -15.86
CA THR C 111 38.10 16.99 -15.23
C THR C 111 38.89 17.38 -14.00
N CYS C 112 39.37 18.61 -13.92
CA CYS C 112 39.95 19.15 -12.70
C CYS C 112 38.89 20.12 -12.14
N SER C 113 38.12 19.68 -11.14
CA SER C 113 37.13 20.54 -10.49
C SER C 113 37.71 20.91 -9.13
N ASP C 114 36.95 21.64 -8.31
CA ASP C 114 37.48 22.05 -7.02
C ASP C 114 37.73 20.87 -6.08
N ASP C 115 37.04 19.77 -6.26
CA ASP C 115 37.28 18.54 -5.50
C ASP C 115 38.20 17.62 -6.29
N MET C 116 39.40 17.37 -5.77
CA MET C 116 40.31 16.42 -6.40
C MET C 116 40.64 15.32 -5.40
N ASP C 117 40.93 14.12 -5.90
CA ASP C 117 41.22 12.99 -5.00
C ASP C 117 42.47 13.23 -4.16
N TYR C 118 43.56 13.79 -4.73
CA TYR C 118 44.82 13.92 -4.00
C TYR C 118 45.42 15.30 -4.23
N TRP C 119 46.08 15.83 -3.20
CA TRP C 119 46.65 17.18 -3.23
C TRP C 119 48.09 17.17 -2.77
N GLY C 120 48.92 18.00 -3.39
CA GLY C 120 50.25 18.28 -2.86
C GLY C 120 50.14 19.33 -1.76
N LYS C 121 51.25 19.56 -1.05
CA LYS C 121 51.27 20.57 0.00
C LYS C 121 51.41 22.00 -0.52
N GLY C 122 51.84 22.18 -1.77
CA GLY C 122 51.84 23.50 -2.37
C GLY C 122 53.22 24.17 -2.30
N THR C 123 53.44 25.10 -3.22
CA THR C 123 54.69 25.84 -3.29
C THR C 123 54.37 27.31 -3.52
N GLN C 124 55.08 28.19 -2.81
CA GLN C 124 54.80 29.62 -2.90
C GLN C 124 55.43 30.25 -4.13
N VAL C 125 54.65 31.09 -4.81
CA VAL C 125 55.15 31.92 -5.90
C VAL C 125 54.85 33.36 -5.55
N THR C 126 55.91 34.22 -5.56
CA THR C 126 55.79 35.64 -5.22
C THR C 126 56.32 36.50 -6.36
N VAL C 127 55.47 37.33 -6.92
CA VAL C 127 55.85 38.21 -8.02
C VAL C 127 55.87 39.64 -7.50
N SER C 128 57.08 40.20 -7.40
CA SER C 128 57.25 41.53 -6.80
C SER C 128 58.40 42.27 -7.45
N SER C 129 58.34 43.61 -7.35
CA SER C 129 59.43 44.47 -7.82
C SER C 129 60.61 44.42 -6.85
N GLN D 1 -25.57 10.96 7.86
CA GLN D 1 -25.03 9.64 7.54
C GLN D 1 -23.82 9.37 8.41
N VAL D 2 -23.52 8.10 8.63
CA VAL D 2 -22.34 7.75 9.41
C VAL D 2 -21.09 8.08 8.61
N GLN D 3 -20.11 8.70 9.27
CA GLN D 3 -18.84 8.88 8.62
C GLN D 3 -17.77 8.59 9.64
N LEU D 4 -16.76 7.85 9.21
CA LEU D 4 -15.70 7.40 10.10
C LEU D 4 -14.43 8.09 9.63
N VAL D 5 -13.69 8.70 10.56
CA VAL D 5 -12.43 9.37 10.19
C VAL D 5 -11.30 8.87 11.07
N GLU D 6 -10.26 8.29 10.43
CA GLU D 6 -9.07 7.80 11.09
C GLU D 6 -8.01 8.88 11.16
N THR D 7 -7.40 9.03 12.32
CA THR D 7 -6.24 9.92 12.43
C THR D 7 -5.21 9.26 13.30
N GLY D 8 -4.01 9.85 13.32
CA GLY D 8 -2.94 9.38 14.15
C GLY D 8 -1.90 8.54 13.44
N GLY D 9 -2.03 8.33 12.14
CA GLY D 9 -1.10 7.50 11.43
C GLY D 9 0.21 8.24 11.17
N GLY D 10 1.13 7.53 10.54
CA GLY D 10 2.41 8.11 10.20
C GLY D 10 3.50 7.08 10.33
N PHE D 11 4.73 7.59 10.43
CA PHE D 11 5.93 6.77 10.52
C PHE D 11 6.29 6.63 11.99
N VAL D 12 6.83 5.48 12.36
CA VAL D 12 7.23 5.21 13.74
C VAL D 12 8.38 4.22 13.67
N GLN D 13 9.26 4.24 14.68
CA GLN D 13 10.40 3.33 14.59
C GLN D 13 10.03 1.96 15.17
N PRO D 14 10.68 0.90 14.69
CA PRO D 14 10.43 -0.44 15.26
C PRO D 14 10.58 -0.44 16.77
N GLY D 15 9.62 -1.05 17.45
CA GLY D 15 9.56 -1.00 18.88
C GLY D 15 8.84 0.20 19.43
N GLY D 16 8.48 1.16 18.58
CA GLY D 16 7.79 2.36 19.01
C GLY D 16 6.28 2.13 19.21
N SER D 17 5.57 3.23 19.54
CA SER D 17 4.13 3.20 19.86
C SER D 17 3.40 4.22 19.02
N LEU D 18 2.11 3.99 18.82
CA LEU D 18 1.30 4.95 18.09
C LEU D 18 -0.13 4.80 18.57
N ARG D 19 -0.91 5.87 18.52
CA ARG D 19 -2.32 5.79 18.91
C ARG D 19 -3.17 6.30 17.76
N LEU D 20 -3.99 5.42 17.19
CA LEU D 20 -4.92 5.80 16.14
C LEU D 20 -6.24 6.14 16.79
N SER D 21 -7.00 7.01 16.11
CA SER D 21 -8.32 7.43 16.56
C SER D 21 -9.28 7.28 15.41
N CYS D 22 -10.45 6.78 15.72
CA CYS D 22 -11.56 6.67 14.80
C CYS D 22 -12.66 7.54 15.39
N ALA D 23 -12.92 8.67 14.75
CA ALA D 23 -13.98 9.55 15.20
C ALA D 23 -15.18 9.21 14.34
N ALA D 24 -16.24 8.77 14.99
CA ALA D 24 -17.45 8.33 14.32
C ALA D 24 -18.39 9.51 14.44
N SER D 25 -18.91 9.98 13.30
CA SER D 25 -19.86 11.07 13.34
C SER D 25 -21.14 10.61 12.65
N GLY D 26 -22.25 11.17 13.09
CA GLY D 26 -23.52 10.78 12.53
C GLY D 26 -24.04 9.44 13.02
N VAL D 27 -23.49 8.90 14.11
CA VAL D 27 -23.99 7.62 14.65
C VAL D 27 -25.32 7.87 15.36
N THR D 28 -26.38 7.17 14.92
CA THR D 28 -27.66 7.25 15.57
C THR D 28 -28.07 5.91 16.15
N LEU D 29 -27.35 4.82 15.82
CA LEU D 29 -27.70 3.52 16.41
C LEU D 29 -27.40 3.49 17.90
N ASP D 30 -28.28 2.84 18.66
CA ASP D 30 -28.05 2.70 20.09
C ASP D 30 -26.94 1.70 20.42
N TYR D 31 -26.75 0.65 19.60
CA TYR D 31 -25.80 -0.43 19.90
C TYR D 31 -25.03 -0.75 18.64
N TYR D 32 -23.71 -0.71 18.72
CA TYR D 32 -22.90 -0.94 17.52
C TYR D 32 -21.53 -1.45 17.91
N ALA D 33 -20.85 -2.09 16.97
CA ALA D 33 -19.46 -2.47 17.16
C ALA D 33 -18.61 -1.56 16.28
N ILE D 34 -17.41 -1.21 16.77
CA ILE D 34 -16.39 -0.57 15.92
C ILE D 34 -15.20 -1.53 15.85
N GLY D 35 -14.67 -1.72 14.66
CA GLY D 35 -13.53 -2.58 14.47
C GLY D 35 -12.44 -1.82 13.76
N TRP D 36 -11.20 -2.26 14.00
CA TRP D 36 -10.03 -1.81 13.27
C TRP D 36 -9.57 -2.97 12.39
N PHE D 37 -9.29 -2.66 11.14
CA PHE D 37 -8.82 -3.58 10.11
C PHE D 37 -7.53 -3.01 9.53
N ARG D 38 -6.77 -3.86 8.85
CA ARG D 38 -5.59 -3.30 8.20
C ARG D 38 -5.31 -4.11 6.94
N GLN D 39 -4.65 -3.46 5.96
CA GLN D 39 -4.12 -4.15 4.80
C GLN D 39 -2.65 -3.78 4.66
N ALA D 40 -1.82 -4.74 4.95
CA ALA D 40 -0.37 -4.74 4.90
C ALA D 40 0.10 -5.06 3.49
N PRO D 41 1.24 -4.52 3.12
CA PRO D 41 1.77 -4.76 1.77
C PRO D 41 1.82 -6.26 1.47
N GLY D 42 1.24 -6.66 0.35
CA GLY D 42 1.30 -8.06 -0.07
C GLY D 42 0.27 -8.98 0.56
N LYS D 43 -0.65 -8.45 1.38
CA LYS D 43 -1.64 -9.25 2.10
C LYS D 43 -3.04 -8.72 1.86
N GLU D 44 -4.00 -9.59 2.11
CA GLU D 44 -5.39 -9.18 2.08
C GLU D 44 -5.72 -8.41 3.36
N ARG D 45 -6.75 -7.56 3.28
CA ARG D 45 -7.22 -6.85 4.47
C ARG D 45 -7.63 -7.86 5.53
N GLU D 46 -7.31 -7.58 6.79
CA GLU D 46 -7.59 -8.50 7.86
C GLU D 46 -8.11 -7.71 9.06
N GLY D 47 -8.93 -8.37 9.87
CA GLY D 47 -9.40 -7.76 11.11
C GLY D 47 -8.26 -7.65 12.12
N VAL D 48 -8.30 -6.59 12.90
CA VAL D 48 -7.30 -6.33 13.92
C VAL D 48 -7.92 -6.36 15.32
N SER D 49 -9.02 -5.63 15.50
CA SER D 49 -9.58 -5.54 16.84
C SER D 49 -11.04 -5.10 16.72
N CYS D 50 -11.81 -5.36 17.77
CA CYS D 50 -13.25 -5.09 17.73
C CYS D 50 -13.68 -4.68 19.14
N ILE D 51 -14.60 -3.70 19.24
CA ILE D 51 -15.15 -3.31 20.55
C ILE D 51 -16.64 -3.06 20.45
N GLY D 52 -17.38 -3.49 21.48
CA GLY D 52 -18.83 -3.28 21.52
C GLY D 52 -19.15 -2.00 22.29
N SER D 53 -20.16 -1.26 21.81
CA SER D 53 -20.40 0.07 22.39
C SER D 53 -20.89 0.00 23.85
N SER D 54 -21.74 -0.97 24.18
CA SER D 54 -22.46 -0.94 25.46
C SER D 54 -21.54 -1.24 26.64
N ASP D 55 -20.65 -2.23 26.52
CA ASP D 55 -19.83 -2.63 27.66
C ASP D 55 -18.35 -2.66 27.32
N GLY D 56 -17.96 -2.22 26.12
CA GLY D 56 -16.52 -2.18 25.82
C GLY D 56 -15.83 -3.53 25.72
N ARG D 57 -16.55 -4.62 25.54
CA ARG D 57 -15.90 -5.92 25.38
C ARG D 57 -15.08 -5.89 24.11
N THR D 58 -13.93 -6.59 24.09
CA THR D 58 -12.96 -6.46 23.02
C THR D 58 -12.54 -7.82 22.54
N TYR D 59 -12.15 -7.88 21.26
CA TYR D 59 -11.53 -9.05 20.65
C TYR D 59 -10.32 -8.55 19.87
N TYR D 60 -9.30 -9.41 19.74
CA TYR D 60 -8.06 -9.04 19.04
C TYR D 60 -7.66 -10.21 18.15
N SER D 61 -7.02 -9.92 17.03
CA SER D 61 -6.40 -10.98 16.24
C SER D 61 -5.15 -11.51 16.96
N ASP D 62 -4.77 -12.75 16.63
CA ASP D 62 -3.61 -13.33 17.30
C ASP D 62 -2.35 -12.53 17.00
N SER D 63 -2.28 -11.88 15.84
CA SER D 63 -1.08 -11.11 15.46
C SER D 63 -0.80 -9.92 16.38
N VAL D 64 -1.84 -9.33 16.99
CA VAL D 64 -1.68 -8.10 17.75
C VAL D 64 -2.00 -8.24 19.23
N LYS D 65 -2.55 -9.37 19.66
CA LYS D 65 -2.97 -9.47 21.06
C LYS D 65 -1.80 -9.18 21.99
N GLY D 66 -2.07 -8.46 23.07
CA GLY D 66 -1.10 -8.08 24.07
C GLY D 66 -0.34 -6.83 23.72
N ARG D 67 -0.24 -6.48 22.42
CA ARG D 67 0.43 -5.27 21.99
C ARG D 67 -0.51 -4.12 21.68
N PHE D 68 -1.70 -4.42 21.15
CA PHE D 68 -2.68 -3.42 20.77
C PHE D 68 -3.82 -3.39 21.79
N THR D 69 -4.36 -2.20 22.04
CA THR D 69 -5.53 -2.07 22.92
C THR D 69 -6.54 -1.18 22.24
N ILE D 70 -7.77 -1.66 22.11
CA ILE D 70 -8.84 -0.86 21.52
C ILE D 70 -9.69 -0.36 22.68
N SER D 71 -10.13 0.90 22.62
CA SER D 71 -10.92 1.40 23.74
C SER D 71 -11.84 2.53 23.30
N ARG D 72 -12.89 2.75 24.10
CA ARG D 72 -13.84 3.82 23.82
C ARG D 72 -13.40 5.09 24.54
N ASP D 73 -13.65 6.23 23.90
CA ASP D 73 -13.70 7.48 24.68
C ASP D 73 -14.96 7.53 25.54
N ASN D 74 -14.77 7.83 26.83
CA ASN D 74 -15.89 7.86 27.77
C ASN D 74 -16.94 8.93 27.41
N ALA D 75 -16.50 10.10 26.90
CA ALA D 75 -17.43 11.19 26.63
C ALA D 75 -17.92 11.30 25.17
N LYS D 76 -17.15 10.88 24.17
CA LYS D 76 -17.54 11.00 22.77
C LYS D 76 -17.53 9.65 22.03
N ASN D 77 -18.08 9.66 20.80
CA ASN D 77 -18.25 8.48 19.92
C ASN D 77 -16.95 8.18 19.16
N THR D 78 -15.86 8.04 19.90
CA THR D 78 -14.53 7.94 19.32
C THR D 78 -13.92 6.67 19.91
N VAL D 79 -13.17 5.94 19.09
CA VAL D 79 -12.53 4.71 19.55
C VAL D 79 -11.05 4.84 19.24
N TYR D 80 -10.19 4.44 20.19
CA TYR D 80 -8.73 4.52 20.06
C TYR D 80 -8.15 3.16 19.80
N LEU D 81 -7.04 3.11 19.07
CA LEU D 81 -6.23 1.89 18.96
C LEU D 81 -4.81 2.24 19.41
N GLN D 82 -4.47 1.82 20.61
CA GLN D 82 -3.12 2.04 21.16
C GLN D 82 -2.27 0.88 20.67
N MET D 83 -1.22 1.18 19.91
CA MET D 83 -0.39 0.15 19.31
C MET D 83 0.97 0.24 19.92
N ASN D 84 1.38 -0.81 20.63
CA ASN D 84 2.71 -0.83 21.24
C ASN D 84 3.57 -1.89 20.60
N SER D 85 4.89 -1.79 20.88
CA SER D 85 5.87 -2.77 20.43
C SER D 85 5.77 -3.03 18.93
N LEU D 86 5.65 -1.94 18.16
CA LEU D 86 5.37 -2.07 16.74
C LEU D 86 6.53 -2.76 16.01
N LYS D 87 6.17 -3.51 14.98
CA LYS D 87 7.09 -4.30 14.17
C LYS D 87 6.91 -3.92 12.72
N PRO D 88 7.89 -4.24 11.86
CA PRO D 88 7.77 -3.85 10.43
C PRO D 88 6.56 -4.45 9.73
N GLU D 89 6.18 -5.70 10.08
CA GLU D 89 4.97 -6.35 9.59
C GLU D 89 3.68 -5.59 9.97
N ASP D 90 3.72 -4.69 10.97
CA ASP D 90 2.56 -3.87 11.33
C ASP D 90 2.34 -2.72 10.36
N THR D 91 3.28 -2.49 9.43
CA THR D 91 3.07 -1.49 8.40
C THR D 91 1.84 -1.85 7.56
N ALA D 92 0.95 -0.87 7.35
CA ALA D 92 -0.31 -1.16 6.64
C ALA D 92 -1.14 0.10 6.57
N VAL D 93 -2.19 0.05 5.75
CA VAL D 93 -3.27 1.01 5.84
C VAL D 93 -4.25 0.45 6.88
N TYR D 94 -4.55 1.25 7.90
CA TYR D 94 -5.50 0.86 8.95
C TYR D 94 -6.85 1.51 8.70
N TYR D 95 -7.93 0.72 8.74
CA TYR D 95 -9.28 1.18 8.51
C TYR D 95 -10.09 1.00 9.77
N CYS D 96 -10.94 1.97 10.10
CA CYS D 96 -11.95 1.65 11.11
C CYS D 96 -13.28 1.48 10.43
N ALA D 97 -14.15 0.73 11.08
CA ALA D 97 -15.43 0.30 10.51
C ALA D 97 -16.44 0.19 11.64
N LEU D 98 -17.71 0.31 11.29
CA LEU D 98 -18.80 0.31 12.27
C LEU D 98 -19.90 -0.60 11.75
N THR D 99 -20.48 -1.41 12.64
CA THR D 99 -21.59 -2.24 12.23
C THR D 99 -22.60 -2.35 13.36
N VAL D 100 -23.87 -2.55 13.00
CA VAL D 100 -24.92 -2.61 14.01
C VAL D 100 -24.72 -3.84 14.87
N GLY D 101 -25.02 -3.68 16.17
CA GLY D 101 -24.94 -4.77 17.12
C GLY D 101 -26.15 -5.66 17.02
N THR D 102 -26.17 -6.73 17.78
CA THR D 102 -27.27 -7.69 17.64
C THR D 102 -27.84 -7.95 19.02
N TYR D 103 -29.16 -8.00 19.12
CA TYR D 103 -29.79 -8.25 20.38
C TYR D 103 -30.38 -9.65 20.33
N TYR D 104 -30.00 -10.49 21.28
CA TYR D 104 -30.57 -11.83 21.36
C TYR D 104 -30.56 -12.30 22.81
N SER D 105 -31.72 -12.75 23.24
CA SER D 105 -31.86 -13.40 24.55
C SER D 105 -31.28 -12.53 25.67
N GLY D 106 -31.70 -11.27 25.67
CA GLY D 106 -31.39 -10.35 26.74
C GLY D 106 -29.98 -9.79 26.71
N ASN D 107 -29.17 -10.11 25.70
CA ASN D 107 -27.81 -9.57 25.67
C ASN D 107 -27.50 -9.10 24.26
N TYR D 108 -26.50 -8.24 24.17
CA TYR D 108 -26.01 -7.78 22.88
C TYR D 108 -24.82 -8.63 22.47
N HIS D 109 -24.64 -8.78 21.17
CA HIS D 109 -23.51 -9.48 20.58
C HIS D 109 -22.91 -8.56 19.56
N TYR D 110 -21.57 -8.50 19.50
CA TYR D 110 -20.88 -7.59 18.61
C TYR D 110 -19.96 -8.41 17.73
N THR D 111 -20.10 -8.25 16.45
CA THR D 111 -19.37 -9.05 15.49
C THR D 111 -18.66 -8.10 14.55
N CYS D 112 -17.33 -8.21 14.43
CA CYS D 112 -16.60 -7.47 13.38
C CYS D 112 -16.03 -8.52 12.44
N SER D 113 -16.74 -8.77 11.34
CA SER D 113 -16.26 -9.68 10.29
C SER D 113 -15.88 -8.84 9.09
N ASP D 114 -15.58 -9.51 7.96
CA ASP D 114 -15.18 -8.81 6.74
C ASP D 114 -16.27 -7.91 6.21
N ASP D 115 -17.54 -8.19 6.52
CA ASP D 115 -18.66 -7.34 6.12
C ASP D 115 -18.94 -6.36 7.23
N MET D 116 -18.66 -5.07 7.02
CA MET D 116 -19.08 -4.07 8.00
C MET D 116 -19.99 -3.04 7.33
N ASP D 117 -20.94 -2.47 8.09
CA ASP D 117 -21.88 -1.50 7.50
C ASP D 117 -21.17 -0.26 6.96
N TYR D 118 -20.20 0.27 7.70
CA TYR D 118 -19.55 1.53 7.33
C TYR D 118 -18.05 1.38 7.45
N TRP D 119 -17.33 2.07 6.56
CA TRP D 119 -15.86 2.03 6.50
C TRP D 119 -15.28 3.41 6.45
N GLY D 120 -14.18 3.60 7.14
CA GLY D 120 -13.40 4.80 6.96
C GLY D 120 -12.50 4.67 5.74
N LYS D 121 -11.89 5.80 5.35
CA LYS D 121 -10.99 5.81 4.19
C LYS D 121 -9.64 5.20 4.50
N GLY D 122 -9.26 5.12 5.78
CA GLY D 122 -8.02 4.47 6.13
C GLY D 122 -6.87 5.45 6.26
N THR D 123 -5.86 5.06 7.07
CA THR D 123 -4.70 5.89 7.31
C THR D 123 -3.45 5.01 7.29
N GLN D 124 -2.38 5.52 6.68
CA GLN D 124 -1.15 4.75 6.55
C GLN D 124 -0.38 4.76 7.86
N VAL D 125 0.12 3.60 8.27
CA VAL D 125 1.06 3.45 9.37
C VAL D 125 2.29 2.73 8.81
N THR D 126 3.48 3.31 9.02
CA THR D 126 4.72 2.71 8.52
C THR D 126 5.70 2.54 9.66
N VAL D 127 6.13 1.31 9.89
CA VAL D 127 7.05 0.99 10.97
C VAL D 127 8.39 0.77 10.28
N SER D 128 9.29 1.72 10.40
CA SER D 128 10.54 1.63 9.65
C SER D 128 11.66 2.34 10.41
N SER D 129 12.89 1.99 10.01
CA SER D 129 14.12 2.52 10.60
C SER D 129 14.33 4.01 10.30
N VAL E 2 17.82 6.30 18.13
CA VAL E 2 18.55 5.12 17.70
C VAL E 2 19.99 5.14 18.25
N GLN E 3 20.27 4.26 19.21
CA GLN E 3 21.55 4.27 19.89
C GLN E 3 21.91 2.89 20.41
N LEU E 4 23.21 2.68 20.58
CA LEU E 4 23.78 1.49 21.18
C LEU E 4 24.58 1.94 22.41
N VAL E 5 24.37 1.27 23.53
CA VAL E 5 25.01 1.63 24.79
C VAL E 5 25.70 0.38 25.35
N GLU E 6 27.02 0.45 25.53
CA GLU E 6 27.78 -0.64 26.13
C GLU E 6 28.04 -0.39 27.61
N SER E 7 28.15 -1.49 28.35
CA SER E 7 28.37 -1.49 29.78
C SER E 7 29.22 -2.69 30.13
N GLY E 8 29.83 -2.65 31.32
CA GLY E 8 30.59 -3.77 31.87
C GLY E 8 32.12 -3.73 31.85
N GLY E 9 32.73 -2.56 31.72
CA GLY E 9 34.18 -2.49 31.74
C GLY E 9 34.79 -1.70 32.89
N LEU E 11 38.65 -2.00 35.83
CA LEU E 11 39.81 -2.85 35.60
C LEU E 11 39.56 -4.26 36.08
N VAL E 12 40.43 -5.18 35.65
CA VAL E 12 40.41 -6.56 36.12
C VAL E 12 41.80 -7.11 35.79
N GLN E 13 42.22 -8.14 36.50
CA GLN E 13 43.56 -8.67 36.28
C GLN E 13 43.54 -10.14 35.85
N PRO E 14 44.67 -10.64 35.27
CA PRO E 14 44.69 -11.95 34.59
C PRO E 14 43.95 -13.12 35.22
N GLY E 15 43.26 -13.86 34.34
CA GLY E 15 42.49 -15.02 34.71
C GLY E 15 41.08 -14.71 35.10
N GLY E 16 40.74 -13.44 35.28
CA GLY E 16 39.40 -13.06 35.66
C GLY E 16 38.46 -13.16 34.48
N SER E 17 37.21 -12.81 34.76
CA SER E 17 36.15 -12.81 33.76
C SER E 17 35.48 -11.45 33.81
N LEU E 18 35.05 -10.97 32.64
CA LEU E 18 34.25 -9.77 32.57
C LEU E 18 33.10 -10.02 31.61
N ARG E 19 32.05 -9.24 31.75
CA ARG E 19 30.88 -9.37 30.88
C ARG E 19 30.50 -8.00 30.38
N LEU E 20 30.40 -7.87 29.06
CA LEU E 20 30.06 -6.62 28.41
C LEU E 20 28.68 -6.74 27.79
N SER E 21 27.88 -5.69 27.90
CA SER E 21 26.56 -5.71 27.31
C SER E 21 26.39 -4.52 26.39
N CYS E 22 25.68 -4.76 25.30
CA CYS E 22 25.34 -3.76 24.31
C CYS E 22 23.82 -3.71 24.23
N ALA E 23 23.23 -2.63 24.71
CA ALA E 23 21.78 -2.47 24.77
C ALA E 23 21.40 -1.33 23.85
N ALA E 24 20.39 -1.55 23.03
CA ALA E 24 19.98 -0.59 22.03
C ALA E 24 18.67 0.07 22.39
N SER E 25 18.53 1.29 21.88
CA SER E 25 17.40 2.17 22.09
C SER E 25 16.99 2.73 20.74
N GLY E 26 15.69 2.90 20.53
CA GLY E 26 15.22 3.52 19.31
C GLY E 26 14.99 2.56 18.18
N PHE E 27 15.30 1.28 18.38
CA PHE E 27 15.04 0.30 17.32
C PHE E 27 15.15 -1.08 17.94
N THR E 28 14.74 -2.06 17.17
CA THR E 28 14.70 -3.44 17.61
C THR E 28 15.87 -4.18 17.01
N LEU E 29 16.54 -5.00 17.80
CA LEU E 29 17.81 -5.55 17.33
C LEU E 29 17.68 -6.93 16.78
N ASP E 30 16.44 -7.45 16.69
CA ASP E 30 16.22 -8.79 16.19
C ASP E 30 16.81 -8.97 14.79
N TYR E 31 16.56 -8.02 13.89
CA TYR E 31 17.03 -8.18 12.52
C TYR E 31 18.51 -7.82 12.33
N TYR E 32 19.18 -7.30 13.35
CA TYR E 32 20.56 -6.87 13.15
C TYR E 32 21.58 -7.91 13.60
N ALA E 33 22.69 -7.95 12.88
CA ALA E 33 23.87 -8.62 13.36
C ALA E 33 24.60 -7.64 14.28
N ILE E 34 25.21 -8.17 15.33
CA ILE E 34 25.94 -7.36 16.28
C ILE E 34 27.36 -7.90 16.37
N GLY E 35 28.31 -7.02 16.19
CA GLY E 35 29.70 -7.39 16.25
C GLY E 35 30.38 -6.57 17.32
N TRP E 36 31.39 -7.16 17.92
CA TRP E 36 32.24 -6.50 18.89
C TRP E 36 33.60 -6.37 18.24
N PHE E 37 34.13 -5.16 18.33
CA PHE E 37 35.43 -4.77 17.82
C PHE E 37 36.19 -4.13 18.96
N ARG E 38 37.50 -4.25 18.93
CA ARG E 38 38.28 -3.65 20.00
C ARG E 38 39.48 -2.94 19.40
N GLN E 39 39.95 -1.93 20.11
CA GLN E 39 41.16 -1.25 19.68
C GLN E 39 42.02 -0.93 20.89
N ALA E 40 43.22 -1.40 20.84
CA ALA E 40 44.25 -1.10 21.83
C ALA E 40 45.04 0.10 21.36
N PRO E 41 45.72 0.81 22.27
CA PRO E 41 46.52 1.96 21.82
C PRO E 41 47.67 1.49 20.94
N GLY E 42 47.93 2.25 19.87
CA GLY E 42 49.00 1.90 18.95
C GLY E 42 48.81 0.64 18.11
N LYS E 43 47.58 0.12 18.03
CA LYS E 43 47.26 -1.07 17.24
C LYS E 43 46.07 -0.76 16.36
N GLU E 44 45.84 -1.63 15.37
CA GLU E 44 44.68 -1.46 14.52
C GLU E 44 43.43 -1.90 15.25
N ARG E 45 42.30 -1.33 14.85
CA ARG E 45 41.01 -1.83 15.30
C ARG E 45 40.84 -3.26 14.79
N GLU E 46 40.39 -4.17 15.65
CA GLU E 46 40.28 -5.57 15.28
C GLU E 46 38.91 -6.11 15.67
N GLY E 47 38.41 -7.04 14.86
CA GLY E 47 37.16 -7.70 15.17
C GLY E 47 37.33 -8.74 16.26
N VAL E 48 36.38 -8.76 17.19
CA VAL E 48 36.40 -9.70 18.31
C VAL E 48 35.43 -10.84 18.03
N SER E 49 34.13 -10.54 18.11
CA SER E 49 33.15 -11.60 17.84
C SER E 49 31.88 -11.02 17.24
N CYS E 50 31.06 -11.88 16.67
CA CYS E 50 29.83 -11.40 16.06
C CYS E 50 28.70 -12.40 16.23
N ILE E 51 27.49 -11.90 16.43
CA ILE E 51 26.31 -12.74 16.47
C ILE E 51 25.35 -12.27 15.40
N SER E 52 24.97 -13.18 14.50
CA SER E 52 24.09 -12.87 13.39
C SER E 52 22.65 -12.71 13.89
N SER E 53 21.78 -12.26 12.98
CA SER E 53 20.37 -12.16 13.32
C SER E 53 19.79 -13.54 13.63
N SER E 54 20.32 -14.58 12.99
CA SER E 54 19.88 -15.95 13.26
C SER E 54 20.29 -16.45 14.63
N GLY E 55 21.22 -15.79 15.30
CA GLY E 55 21.71 -16.27 16.58
C GLY E 55 23.06 -16.96 16.49
N GLY E 56 23.54 -17.24 15.29
CA GLY E 56 24.81 -17.91 15.13
C GLY E 56 25.98 -17.06 15.63
N SER E 57 26.98 -17.74 16.19
CA SER E 57 28.14 -17.10 16.79
C SER E 57 29.37 -17.28 15.92
N THR E 58 30.15 -16.23 15.75
CA THR E 58 31.41 -16.29 15.03
C THR E 58 32.47 -15.57 15.84
N HIS E 59 33.66 -16.14 15.90
CA HIS E 59 34.77 -15.52 16.58
C HIS E 59 35.84 -15.18 15.56
N PHE E 60 36.35 -13.96 15.66
CA PHE E 60 37.28 -13.43 14.67
C PHE E 60 38.73 -13.55 15.13
N ALA E 61 39.05 -13.04 16.31
CA ALA E 61 40.42 -13.08 16.81
C ALA E 61 40.79 -14.50 17.23
N ASP E 62 41.94 -14.96 16.75
CA ASP E 62 42.39 -16.28 17.15
C ASP E 62 42.54 -16.34 18.67
N SER E 63 43.01 -15.26 19.33
CA SER E 63 43.02 -15.21 20.80
C SER E 63 41.76 -15.73 21.44
N VAL E 64 40.66 -15.07 21.17
CA VAL E 64 39.47 -15.23 21.98
C VAL E 64 38.75 -16.53 21.69
N LYS E 65 39.12 -17.21 20.61
CA LYS E 65 38.50 -18.45 20.19
C LYS E 65 38.55 -19.54 21.28
N ARG E 67 37.98 -18.87 24.49
CA ARG E 67 37.96 -18.18 25.77
C ARG E 67 36.80 -17.16 25.90
N PHE E 68 36.18 -16.79 24.78
CA PHE E 68 35.09 -15.81 24.71
C PHE E 68 33.80 -16.45 24.20
N THR E 69 32.68 -15.93 24.68
CA THR E 69 31.36 -16.37 24.20
C THR E 69 30.48 -15.15 23.94
N ILE E 70 29.56 -15.27 22.99
CA ILE E 70 28.67 -14.16 22.65
C ILE E 70 27.23 -14.65 22.61
N SER E 71 26.30 -13.83 23.11
CA SER E 71 24.89 -14.22 23.15
C SER E 71 24.00 -12.99 23.01
N ARG E 72 22.73 -13.21 22.69
CA ARG E 72 21.82 -12.09 22.53
C ARG E 72 20.50 -12.38 23.21
N ASP E 73 19.90 -11.36 23.82
CA ASP E 73 18.57 -11.44 24.41
C ASP E 73 17.75 -10.43 23.64
N ASN E 74 17.11 -10.93 22.57
CA ASN E 74 16.16 -10.16 21.80
C ASN E 74 15.12 -9.51 22.71
N ALA E 75 14.64 -10.26 23.70
CA ALA E 75 13.59 -9.75 24.59
C ALA E 75 14.06 -8.49 25.32
N LYS E 76 15.29 -8.47 25.80
CA LYS E 76 15.83 -7.28 26.44
C LYS E 76 16.54 -6.36 25.46
N ASN E 77 16.56 -6.71 24.16
CA ASN E 77 17.16 -5.88 23.13
C ASN E 77 18.62 -5.60 23.47
N THR E 78 19.34 -6.66 23.86
CA THR E 78 20.71 -6.52 24.32
C THR E 78 21.51 -7.72 23.81
N VAL E 79 22.83 -7.52 23.73
CA VAL E 79 23.79 -8.54 23.36
C VAL E 79 24.87 -8.55 24.42
N TYR E 80 25.36 -9.73 24.76
CA TYR E 80 26.39 -9.91 25.77
C TYR E 80 27.61 -10.60 25.19
N LEU E 81 28.78 -10.12 25.61
CA LEU E 81 30.06 -10.74 25.31
C LEU E 81 30.68 -11.15 26.64
N GLN E 82 30.95 -12.44 26.78
CA GLN E 82 31.53 -13.03 27.97
C GLN E 82 33.01 -13.28 27.73
N MET E 83 33.86 -12.63 28.51
CA MET E 83 35.30 -12.72 28.35
C MET E 83 35.85 -13.47 29.57
N ASN E 84 36.52 -14.59 29.32
CA ASN E 84 37.11 -15.39 30.38
C ASN E 84 38.60 -15.55 30.11
N SER E 85 39.33 -15.89 31.18
CA SER E 85 40.78 -16.05 31.14
C SER E 85 41.47 -14.79 30.59
N LEU E 86 41.10 -13.65 31.17
CA LEU E 86 41.60 -12.37 30.68
C LEU E 86 43.12 -12.29 30.74
N ILE E 87 43.70 -11.64 29.73
CA ILE E 87 45.14 -11.45 29.67
C ILE E 87 45.42 -9.96 29.50
N PRO E 88 46.65 -9.49 29.71
CA PRO E 88 46.93 -8.06 29.46
C PRO E 88 46.77 -7.67 28.01
N GLU E 89 47.01 -8.60 27.06
CA GLU E 89 46.81 -8.29 25.65
C GLU E 89 45.35 -8.06 25.30
N ASP E 90 44.42 -8.28 26.23
CA ASP E 90 43.01 -8.04 26.01
C ASP E 90 42.61 -6.62 26.39
N THR E 91 43.56 -5.82 26.86
CA THR E 91 43.28 -4.43 27.23
C THR E 91 42.98 -3.60 25.98
N ALA E 92 41.80 -3.02 25.91
CA ALA E 92 41.42 -2.25 24.74
C ALA E 92 40.10 -1.54 25.00
N VAL E 93 39.75 -0.62 24.11
CA VAL E 93 38.39 -0.08 24.08
C VAL E 93 37.55 -1.06 23.27
N TYR E 94 36.42 -1.48 23.84
CA TYR E 94 35.53 -2.40 23.15
C TYR E 94 34.31 -1.67 22.62
N TYR E 95 33.90 -2.01 21.41
CA TYR E 95 32.80 -1.39 20.70
C TYR E 95 31.83 -2.46 20.25
N CYS E 96 30.54 -2.20 20.38
CA CYS E 96 29.54 -3.01 19.73
C CYS E 96 29.02 -2.22 18.55
N ALA E 97 28.68 -2.93 17.48
CA ALA E 97 28.23 -2.35 16.24
C ALA E 97 27.11 -3.20 15.71
N ALA E 98 26.15 -2.56 15.00
CA ALA E 98 24.98 -3.25 14.47
C ALA E 98 24.84 -3.04 12.98
N GLN E 99 24.46 -4.09 12.27
CA GLN E 99 24.27 -3.96 10.85
C GLN E 99 23.16 -4.90 10.41
N SER E 100 22.31 -4.41 9.53
CA SER E 100 21.17 -5.19 9.06
C SER E 100 21.56 -5.88 7.77
N GLY E 101 22.05 -7.12 7.89
CA GLY E 101 22.39 -7.92 6.74
C GLY E 101 21.42 -9.08 6.55
N SER E 102 21.86 -10.04 5.74
CA SER E 102 21.08 -11.27 5.57
C SER E 102 21.12 -12.10 6.87
N TYR E 103 20.24 -13.11 6.92
CA TYR E 103 19.94 -13.81 8.19
C TYR E 103 21.19 -14.36 8.87
N TYR E 104 22.10 -14.97 8.09
CA TYR E 104 23.33 -15.57 8.63
C TYR E 104 24.56 -14.67 8.52
N TRP E 105 24.42 -13.43 8.05
CA TRP E 105 25.59 -12.57 7.84
C TRP E 105 26.20 -12.17 9.18
N CYS E 106 27.53 -12.29 9.28
CA CYS E 106 28.28 -11.68 10.38
C CYS E 106 29.65 -11.30 9.86
N GLY E 107 29.88 -10.02 9.63
CA GLY E 107 31.08 -9.56 8.94
C GLY E 107 32.15 -9.20 9.93
N SER E 108 33.40 -9.57 9.60
CA SER E 108 34.57 -9.23 10.44
C SER E 108 35.12 -7.83 10.18
N ASP E 109 34.68 -7.14 9.12
CA ASP E 109 35.26 -5.85 8.77
C ASP E 109 34.41 -4.74 9.35
N TRP E 110 34.99 -3.93 10.24
CA TRP E 110 34.20 -2.90 10.91
C TRP E 110 33.65 -1.84 9.95
N HIS E 111 34.25 -1.64 8.77
CA HIS E 111 33.71 -0.63 7.85
C HIS E 111 32.27 -0.91 7.40
N GLU E 112 31.82 -2.16 7.47
CA GLU E 112 30.50 -2.52 6.93
C GLU E 112 29.34 -2.34 7.93
N TYR E 113 29.61 -1.88 9.14
CA TYR E 113 28.57 -1.76 10.16
C TYR E 113 28.07 -0.33 10.21
N GLU E 114 26.73 -0.18 10.25
CA GLU E 114 26.05 1.11 10.28
C GLU E 114 26.11 1.79 11.64
N TYR E 115 25.74 1.08 12.69
CA TYR E 115 25.48 1.66 13.99
C TYR E 115 26.58 1.28 14.95
N TRP E 116 26.99 2.23 15.78
CA TRP E 116 28.10 2.05 16.69
C TRP E 116 27.72 2.50 18.08
N GLY E 117 28.23 1.79 19.07
CA GLY E 117 28.10 2.17 20.45
C GLY E 117 29.11 3.24 20.81
N GLN E 118 29.09 3.64 22.07
CA GLN E 118 30.00 4.67 22.58
C GLN E 118 31.41 4.15 22.84
N GLY E 119 31.57 2.85 23.13
CA GLY E 119 32.86 2.26 23.47
C GLY E 119 33.15 2.25 24.96
N THR E 120 33.51 1.09 25.53
CA THR E 120 33.85 1.00 26.94
C THR E 120 35.23 0.36 27.10
N GLN E 121 36.04 0.97 27.95
CA GLN E 121 37.42 0.53 28.17
C GLN E 121 37.48 -0.70 29.06
N VAL E 122 38.23 -1.71 28.63
CA VAL E 122 38.53 -2.86 29.48
C VAL E 122 40.04 -2.86 29.67
N THR E 123 40.50 -2.84 30.92
CA THR E 123 41.92 -2.80 31.23
C THR E 123 42.32 -4.03 32.05
N VAL E 124 43.36 -4.72 31.60
CA VAL E 124 43.86 -5.89 32.30
C VAL E 124 45.36 -5.71 32.60
N VAL F 2 -33.57 -10.97 -20.06
CA VAL F 2 -34.37 -9.85 -19.59
C VAL F 2 -33.63 -8.54 -19.83
N GLN F 3 -34.17 -7.70 -20.70
CA GLN F 3 -33.51 -6.44 -21.02
C GLN F 3 -34.55 -5.42 -21.44
N LEU F 4 -34.22 -4.15 -21.19
CA LEU F 4 -35.02 -3.01 -21.62
C LEU F 4 -34.14 -2.10 -22.46
N VAL F 5 -34.64 -1.73 -23.63
CA VAL F 5 -33.91 -0.94 -24.61
C VAL F 5 -34.69 0.35 -24.84
N GLU F 6 -34.03 1.48 -24.60
CA GLU F 6 -34.66 2.79 -24.80
C GLU F 6 -34.28 3.30 -26.17
N SER F 7 -35.21 4.00 -26.79
CA SER F 7 -35.06 4.50 -28.14
C SER F 7 -35.70 5.88 -28.16
N GLY F 8 -35.23 6.71 -29.07
CA GLY F 8 -35.71 8.06 -29.15
C GLY F 8 -34.73 8.97 -28.42
N GLY F 9 -35.19 10.16 -28.12
CA GLY F 9 -34.33 11.04 -27.37
C GLY F 9 -33.31 11.73 -28.25
N GLY F 10 -32.28 12.28 -27.60
CA GLY F 10 -31.34 13.16 -28.26
C GLY F 10 -31.73 14.61 -28.09
N LEU F 11 -31.07 15.47 -28.89
CA LEU F 11 -31.30 16.90 -28.74
C LEU F 11 -32.60 17.33 -29.40
N VAL F 12 -33.10 18.47 -28.95
CA VAL F 12 -34.34 19.06 -29.45
C VAL F 12 -34.35 20.50 -28.97
N GLN F 13 -35.18 21.35 -29.57
CA GLN F 13 -35.13 22.75 -29.20
C GLN F 13 -36.30 23.11 -28.31
N PRO F 14 -36.16 24.17 -27.49
CA PRO F 14 -37.21 24.49 -26.50
C PRO F 14 -38.59 24.54 -27.14
N GLY F 15 -39.55 23.89 -26.49
CA GLY F 15 -40.91 23.81 -27.00
C GLY F 15 -41.16 22.65 -27.94
N GLY F 16 -40.12 21.89 -28.31
CA GLY F 16 -40.28 20.76 -29.21
C GLY F 16 -40.87 19.54 -28.53
N SER F 17 -40.99 18.46 -29.31
CA SER F 17 -41.56 17.21 -28.83
C SER F 17 -40.63 16.04 -29.13
N LEU F 18 -40.64 15.06 -28.23
CA LEU F 18 -39.90 13.82 -28.39
C LEU F 18 -40.77 12.64 -27.96
N ARG F 19 -40.38 11.46 -28.42
CA ARG F 19 -41.03 10.23 -28.05
C ARG F 19 -39.94 9.25 -27.64
N LEU F 20 -40.08 8.70 -26.45
CA LEU F 20 -39.13 7.75 -25.92
C LEU F 20 -39.86 6.41 -25.89
N SER F 21 -39.14 5.38 -26.30
CA SER F 21 -39.69 4.04 -26.31
C SER F 21 -38.82 3.17 -25.42
N CYS F 22 -39.48 2.27 -24.71
CA CYS F 22 -38.83 1.30 -23.86
C CYS F 22 -39.39 -0.05 -24.31
N ALA F 23 -38.53 -0.87 -24.90
CA ALA F 23 -38.93 -2.17 -25.44
C ALA F 23 -38.22 -3.25 -24.66
N ALA F 24 -38.96 -4.26 -24.24
CA ALA F 24 -38.36 -5.30 -23.43
C ALA F 24 -38.24 -6.60 -24.20
N SER F 25 -37.18 -7.32 -23.88
CA SER F 25 -36.83 -8.58 -24.52
C SER F 25 -36.53 -9.57 -23.41
N GLY F 26 -36.94 -10.81 -23.58
CA GLY F 26 -36.65 -11.77 -22.54
C GLY F 26 -37.73 -11.91 -21.49
N PHE F 27 -38.80 -11.13 -21.58
CA PHE F 27 -39.94 -11.29 -20.69
C PHE F 27 -41.15 -10.60 -21.28
N THR F 28 -42.31 -10.95 -20.72
CA THR F 28 -43.61 -10.42 -21.10
C THR F 28 -43.98 -9.38 -20.07
N LEU F 29 -44.49 -8.25 -20.53
CA LEU F 29 -44.57 -7.09 -19.69
C LEU F 29 -45.98 -6.76 -19.24
N ASP F 30 -46.95 -7.66 -19.45
CA ASP F 30 -48.30 -7.39 -18.97
C ASP F 30 -48.33 -7.19 -17.45
N TYR F 31 -47.67 -8.06 -16.70
CA TYR F 31 -47.80 -7.98 -15.26
C TYR F 31 -47.01 -6.86 -14.61
N TYR F 32 -46.13 -6.18 -15.35
CA TYR F 32 -45.23 -5.22 -14.74
C TYR F 32 -45.78 -3.81 -14.85
N ALA F 33 -45.52 -3.02 -13.82
CA ALA F 33 -45.67 -1.58 -13.87
C ALA F 33 -44.38 -0.99 -14.43
N ILE F 34 -44.51 0.08 -15.19
CA ILE F 34 -43.36 0.74 -15.79
C ILE F 34 -43.35 2.17 -15.32
N GLY F 35 -42.20 2.60 -14.83
CA GLY F 35 -42.03 3.96 -14.39
C GLY F 35 -40.90 4.57 -15.18
N TRP F 36 -40.97 5.89 -15.32
CA TRP F 36 -39.95 6.70 -15.96
C TRP F 36 -39.30 7.57 -14.90
N PHE F 37 -37.98 7.56 -14.88
CA PHE F 37 -37.20 8.35 -13.94
C PHE F 37 -36.18 9.16 -14.72
N ARG F 38 -35.86 10.35 -14.23
CA ARG F 38 -34.88 11.16 -14.93
C ARG F 38 -33.87 11.71 -13.94
N GLN F 39 -32.64 11.93 -14.41
CA GLN F 39 -31.64 12.55 -13.55
C GLN F 39 -30.79 13.52 -14.36
N ALA F 40 -30.75 14.77 -13.89
CA ALA F 40 -29.93 15.82 -14.45
C ALA F 40 -28.59 15.87 -13.73
N PRO F 41 -27.58 16.48 -14.34
CA PRO F 41 -26.28 16.58 -13.68
C PRO F 41 -26.40 17.40 -12.41
N GLY F 42 -25.71 16.95 -11.36
CA GLY F 42 -25.73 17.66 -10.08
C GLY F 42 -27.05 17.71 -9.35
N LYS F 43 -28.05 16.93 -9.77
CA LYS F 43 -29.37 16.91 -9.14
C LYS F 43 -29.72 15.47 -8.79
N GLU F 44 -30.75 15.30 -7.95
CA GLU F 44 -31.18 13.96 -7.54
C GLU F 44 -32.00 13.28 -8.62
N ARG F 45 -31.98 11.95 -8.60
CA ARG F 45 -32.88 11.17 -9.47
C ARG F 45 -34.34 11.41 -9.09
N GLU F 46 -35.18 11.62 -10.09
CA GLU F 46 -36.57 11.98 -9.83
C GLU F 46 -37.53 11.15 -10.66
N GLY F 47 -38.65 10.79 -10.04
CA GLY F 47 -39.68 10.05 -10.75
C GLY F 47 -40.47 10.97 -11.69
N VAL F 48 -40.72 10.47 -12.89
CA VAL F 48 -41.48 11.23 -13.89
C VAL F 48 -42.90 10.70 -13.94
N SER F 49 -43.07 9.53 -14.54
CA SER F 49 -44.41 8.97 -14.68
C SER F 49 -44.33 7.47 -14.54
N CYS F 50 -45.46 6.86 -14.19
CA CYS F 50 -45.51 5.42 -14.07
C CYS F 50 -46.87 4.89 -14.50
N ILE F 51 -46.86 3.74 -15.15
CA ILE F 51 -48.10 3.14 -15.58
C ILE F 51 -48.18 1.73 -14.98
N SER F 52 -49.25 1.49 -14.23
CA SER F 52 -49.43 0.24 -13.55
C SER F 52 -49.75 -0.87 -14.56
N SER F 53 -49.76 -2.11 -14.06
CA SER F 53 -50.10 -3.23 -14.94
C SER F 53 -51.53 -3.11 -15.44
N SER F 54 -52.42 -2.55 -14.62
CA SER F 54 -53.79 -2.36 -15.06
C SER F 54 -53.90 -1.36 -16.21
N GLY F 55 -52.84 -0.60 -16.49
CA GLY F 55 -52.86 0.41 -17.50
C GLY F 55 -53.04 1.81 -16.95
N GLY F 56 -53.34 1.92 -15.66
CA GLY F 56 -53.50 3.24 -15.07
C GLY F 56 -52.19 4.02 -15.04
N SER F 57 -52.31 5.32 -15.26
CA SER F 57 -51.19 6.24 -15.34
C SER F 57 -51.18 7.16 -14.12
N THR F 58 -49.99 7.39 -13.55
CA THR F 58 -49.79 8.35 -12.46
C THR F 58 -48.54 9.16 -12.75
N HIS F 59 -48.63 10.46 -12.54
CA HIS F 59 -47.52 11.36 -12.84
C HIS F 59 -46.94 11.86 -11.53
N PHE F 60 -45.62 11.84 -11.45
CA PHE F 60 -44.96 12.14 -10.19
C PHE F 60 -44.54 13.61 -10.12
N ALA F 61 -43.77 14.05 -11.11
CA ALA F 61 -43.29 15.43 -11.17
C ALA F 61 -44.40 16.36 -11.65
N ASP F 62 -44.63 17.43 -10.90
CA ASP F 62 -45.63 18.41 -11.31
C ASP F 62 -45.26 19.08 -12.63
N SER F 63 -43.97 19.43 -12.79
CA SER F 63 -43.45 19.96 -14.05
C SER F 63 -44.02 19.23 -15.28
N VAL F 64 -43.90 17.91 -15.31
CA VAL F 64 -44.24 17.15 -16.51
C VAL F 64 -45.74 16.97 -16.70
N LYS F 65 -46.56 17.30 -15.70
CA LYS F 65 -48.01 17.11 -15.80
C LYS F 65 -48.59 17.87 -16.99
N GLY F 66 -49.49 17.22 -17.71
CA GLY F 66 -50.00 17.80 -18.93
C GLY F 66 -49.12 17.58 -20.13
N ARG F 67 -47.82 17.89 -20.01
CA ARG F 67 -46.93 17.88 -21.17
C ARG F 67 -46.46 16.47 -21.56
N PHE F 68 -46.61 15.49 -20.67
CA PHE F 68 -46.17 14.13 -20.91
C PHE F 68 -47.35 13.16 -20.88
N THR F 69 -47.24 12.14 -21.72
CA THR F 69 -48.19 11.05 -21.75
C THR F 69 -47.38 9.76 -21.73
N ILE F 70 -47.94 8.73 -21.12
CA ILE F 70 -47.27 7.45 -21.01
C ILE F 70 -48.27 6.37 -21.40
N SER F 71 -47.78 5.40 -22.17
CA SER F 71 -48.68 4.38 -22.70
C SER F 71 -47.93 3.08 -22.84
N ARG F 72 -48.70 2.00 -22.99
CA ARG F 72 -48.09 0.69 -23.16
C ARG F 72 -48.83 -0.10 -24.24
N ASP F 73 -48.07 -0.87 -25.00
CA ASP F 73 -48.61 -1.81 -25.97
C ASP F 73 -48.12 -3.18 -25.52
N ASN F 74 -49.03 -3.89 -24.85
CA ASN F 74 -48.83 -5.28 -24.45
C ASN F 74 -48.34 -6.15 -25.60
N ALA F 75 -49.01 -6.04 -26.77
CA ALA F 75 -48.65 -6.87 -27.92
C ALA F 75 -47.23 -6.59 -28.42
N LYS F 76 -46.84 -5.32 -28.47
CA LYS F 76 -45.49 -4.94 -28.87
C LYS F 76 -44.53 -4.86 -27.68
N ASN F 77 -45.04 -5.11 -26.46
CA ASN F 77 -44.23 -5.15 -25.24
C ASN F 77 -43.38 -3.89 -25.11
N THR F 78 -44.01 -2.74 -25.30
CA THR F 78 -43.27 -1.49 -25.23
C THR F 78 -44.09 -0.47 -24.47
N VAL F 79 -43.37 0.50 -23.92
CA VAL F 79 -44.00 1.62 -23.25
C VAL F 79 -43.41 2.89 -23.85
N TYR F 80 -44.25 3.89 -24.02
CA TYR F 80 -43.86 5.12 -24.64
C TYR F 80 -44.10 6.27 -23.70
N LEU F 81 -43.13 7.16 -23.68
CA LEU F 81 -43.23 8.42 -22.99
C LEU F 81 -43.23 9.46 -24.07
N GLN F 82 -44.34 10.16 -24.22
CA GLN F 82 -44.50 11.20 -25.21
C GLN F 82 -44.36 12.50 -24.47
N MET F 83 -43.32 13.25 -24.81
CA MET F 83 -42.96 14.48 -24.14
C MET F 83 -43.15 15.60 -25.15
N ASN F 84 -44.01 16.55 -24.84
CA ASN F 84 -44.23 17.70 -25.69
C ASN F 84 -44.09 18.97 -24.85
N SER F 85 -43.91 20.10 -25.52
CA SER F 85 -43.67 21.39 -24.85
C SER F 85 -42.47 21.31 -23.91
N LEU F 86 -41.37 20.77 -24.43
CA LEU F 86 -40.15 20.58 -23.67
C LEU F 86 -39.59 21.91 -23.15
N ILE F 87 -38.94 21.84 -22.00
CA ILE F 87 -38.31 22.98 -21.33
C ILE F 87 -36.81 22.65 -21.26
N PRO F 88 -35.96 23.65 -21.03
CA PRO F 88 -34.56 23.30 -20.74
C PRO F 88 -34.42 22.55 -19.41
N GLU F 89 -35.30 22.80 -18.45
CA GLU F 89 -35.23 22.13 -17.16
C GLU F 89 -35.49 20.63 -17.27
N ASP F 90 -35.83 20.14 -18.46
CA ASP F 90 -36.05 18.72 -18.68
C ASP F 90 -34.85 18.00 -19.30
N THR F 91 -33.72 18.68 -19.46
CA THR F 91 -32.52 18.02 -19.95
C THR F 91 -32.05 17.02 -18.90
N ALA F 92 -31.95 15.75 -19.27
CA ALA F 92 -31.57 14.74 -18.28
C ALA F 92 -31.32 13.44 -19.01
N VAL F 93 -30.78 12.48 -18.28
CA VAL F 93 -30.79 11.11 -18.75
C VAL F 93 -32.12 10.53 -18.30
N TYR F 94 -32.85 9.93 -19.23
CA TYR F 94 -34.13 9.32 -18.91
C TYR F 94 -34.02 7.79 -18.90
N TYR F 95 -34.65 7.17 -17.91
CA TYR F 95 -34.62 5.74 -17.68
C TYR F 95 -36.05 5.23 -17.58
N CYS F 96 -36.32 4.07 -18.17
CA CYS F 96 -37.54 3.34 -17.90
C CYS F 96 -37.17 2.18 -16.97
N ALA F 97 -38.09 1.83 -16.08
CA ALA F 97 -37.86 0.76 -15.10
C ALA F 97 -39.13 -0.06 -14.92
N ALA F 98 -38.96 -1.35 -14.65
CA ALA F 98 -40.09 -2.27 -14.61
C ALA F 98 -40.12 -3.01 -13.28
N GLN F 99 -41.33 -3.19 -12.74
CA GLN F 99 -41.46 -3.91 -11.47
C GLN F 99 -42.79 -4.64 -11.43
N SER F 100 -42.78 -5.88 -10.95
CA SER F 100 -43.99 -6.67 -10.88
C SER F 100 -44.60 -6.52 -9.48
N GLY F 101 -45.54 -5.58 -9.36
CA GLY F 101 -46.23 -5.34 -8.13
C GLY F 101 -47.69 -5.75 -8.20
N SER F 102 -48.47 -5.19 -7.30
CA SER F 102 -49.90 -5.36 -7.25
C SER F 102 -50.54 -4.73 -8.51
N TYR F 103 -51.82 -5.07 -8.77
CA TYR F 103 -52.45 -4.70 -10.05
C TYR F 103 -52.46 -3.18 -10.26
N TYR F 104 -52.82 -2.42 -9.22
CA TYR F 104 -52.89 -0.96 -9.26
C TYR F 104 -51.65 -0.28 -8.69
N TRP F 105 -50.63 -1.05 -8.29
CA TRP F 105 -49.44 -0.48 -7.67
C TRP F 105 -48.66 0.29 -8.68
N CYS F 106 -48.21 1.48 -8.31
CA CYS F 106 -47.19 2.05 -9.15
C CYS F 106 -46.38 3.03 -8.29
N GLY F 107 -45.11 2.72 -8.07
CA GLY F 107 -44.33 3.40 -7.05
C GLY F 107 -43.57 4.60 -7.57
N SER F 108 -43.55 5.66 -6.76
CA SER F 108 -42.79 6.86 -7.10
C SER F 108 -41.29 6.75 -6.77
N ASP F 109 -40.87 5.79 -5.94
CA ASP F 109 -39.48 5.68 -5.47
C ASP F 109 -38.67 4.70 -6.33
N TRP F 110 -37.61 5.18 -6.98
CA TRP F 110 -36.90 4.34 -7.92
C TRP F 110 -36.25 3.10 -7.30
N HIS F 111 -35.94 3.11 -6.00
CA HIS F 111 -35.32 1.94 -5.36
C HIS F 111 -36.18 0.69 -5.45
N GLU F 112 -37.49 0.83 -5.65
CA GLU F 112 -38.36 -0.33 -5.59
C GLU F 112 -38.49 -1.07 -6.92
N TYR F 113 -37.79 -0.63 -7.98
CA TYR F 113 -37.93 -1.25 -9.30
C TYR F 113 -36.77 -2.20 -9.58
N GLU F 114 -37.07 -3.40 -10.08
CA GLU F 114 -36.02 -4.39 -10.34
C GLU F 114 -35.24 -4.14 -11.63
N TYR F 115 -35.95 -3.95 -12.74
CA TYR F 115 -35.33 -4.00 -14.06
C TYR F 115 -35.24 -2.61 -14.66
N TRP F 116 -34.09 -2.32 -15.27
CA TRP F 116 -33.78 -0.98 -15.74
C TRP F 116 -33.27 -1.03 -17.18
N GLY F 117 -33.57 0.04 -17.91
CA GLY F 117 -33.08 0.20 -19.25
C GLY F 117 -31.66 0.74 -19.28
N GLN F 118 -31.18 0.96 -20.52
CA GLN F 118 -29.84 1.47 -20.73
C GLN F 118 -29.73 2.98 -20.41
N GLY F 119 -30.83 3.73 -20.54
CA GLY F 119 -30.82 5.16 -20.35
C GLY F 119 -30.62 5.91 -21.67
N THR F 120 -31.46 6.90 -21.97
CA THR F 120 -31.33 7.70 -23.20
C THR F 120 -31.17 9.16 -22.82
N GLN F 121 -30.17 9.82 -23.40
CA GLN F 121 -29.92 11.22 -23.09
C GLN F 121 -30.93 12.09 -23.82
N VAL F 122 -31.54 13.01 -23.10
CA VAL F 122 -32.43 14.00 -23.67
C VAL F 122 -31.83 15.37 -23.35
N THR F 123 -31.61 16.19 -24.38
CA THR F 123 -31.03 17.52 -24.21
C THR F 123 -32.03 18.57 -24.68
N VAL F 124 -32.34 19.52 -23.80
CA VAL F 124 -33.36 20.55 -23.99
C VAL F 124 -34.69 19.94 -24.41
#